data_3NGM
#
_entry.id   3NGM
#
_cell.length_a   78.417
_cell.length_b   91.001
_cell.length_c   195.802
_cell.angle_alpha   90.00
_cell.angle_beta   90.00
_cell.angle_gamma   90.00
#
_symmetry.space_group_name_H-M   'P 21 21 21'
#
loop_
_entity.id
_entity.type
_entity.pdbx_description
1 polymer 'Extracellular lipase'
2 water water
#
_entity_poly.entity_id   1
_entity_poly.type   'polypeptide(L)'
_entity_poly.pdbx_seq_one_letter_code
;AVSVSTTDFGNFKFYIQHGAAAYCNSEAPAGAKVTCSGNGCPTVQSNGATIVASFTGSKTGIGGYVATDPTRKEIVVSFR
GSINIRNWLTNLDFDQDDCSLTSGCGVHSGFQNAWNEISAAATAAVAKARKANPSFKVVSVGHSLGGAVATLAGANLRIG
GTPLDIYTYGSPRVGNTQLAAFVSNQAGGEFRVTNAKDPVPRLPPLIFGYRHTSPEYWLSGSGGDKIDYTINDVKVCEGA
ANLQCNGGTLGLDIDAHLHYFQATDACSAGGISWRRYRSAKRESISERATMTDAELEKKLNSYVEMDKEYIKTHASRSS
;
_entity_poly.pdbx_strand_id   A,B,C,D
#
# COMPACT_ATOMS: atom_id res chain seq x y z
N ALA A 1 -19.37 4.50 -18.90
CA ALA A 1 -19.78 3.92 -17.60
C ALA A 1 -20.13 2.45 -17.80
N VAL A 2 -20.84 1.88 -16.83
CA VAL A 2 -21.25 0.48 -16.88
C VAL A 2 -22.74 0.44 -16.58
N SER A 3 -23.47 -0.43 -17.27
CA SER A 3 -24.90 -0.53 -17.04
C SER A 3 -25.40 -1.96 -17.06
N VAL A 4 -26.70 -2.13 -17.00
CA VAL A 4 -27.25 -3.47 -17.03
C VAL A 4 -27.90 -3.69 -18.40
N SER A 5 -28.06 -4.94 -18.80
CA SER A 5 -28.66 -5.24 -20.10
C SER A 5 -29.72 -6.34 -20.06
N THR A 6 -30.52 -6.39 -21.12
CA THR A 6 -31.56 -7.39 -21.25
C THR A 6 -31.07 -8.75 -20.82
N THR A 7 -30.14 -9.33 -21.58
CA THR A 7 -29.58 -10.63 -21.27
C THR A 7 -28.71 -10.63 -19.99
N ASP A 8 -28.20 -9.46 -19.60
CA ASP A 8 -27.42 -9.36 -18.38
C ASP A 8 -28.36 -9.65 -17.21
N PHE A 9 -29.59 -9.13 -17.29
CA PHE A 9 -30.56 -9.37 -16.23
C PHE A 9 -31.09 -10.80 -16.28
N GLY A 10 -31.16 -11.35 -17.49
CA GLY A 10 -31.63 -12.72 -17.66
C GLY A 10 -30.66 -13.68 -17.02
N ASN A 11 -29.36 -13.40 -17.19
CA ASN A 11 -28.32 -14.22 -16.60
C ASN A 11 -28.47 -14.16 -15.10
N PHE A 12 -28.79 -12.96 -14.59
CA PHE A 12 -28.96 -12.81 -13.15
C PHE A 12 -30.06 -13.73 -12.64
N LYS A 13 -31.24 -13.65 -13.24
CA LYS A 13 -32.34 -14.49 -12.80
C LYS A 13 -32.04 -15.95 -13.04
N PHE A 14 -31.10 -16.24 -13.92
CA PHE A 14 -30.81 -17.63 -14.21
C PHE A 14 -29.80 -18.32 -13.30
N TYR A 15 -28.73 -17.64 -12.94
CA TYR A 15 -27.74 -18.31 -12.10
C TYR A 15 -28.11 -18.60 -10.63
N ILE A 16 -29.05 -17.90 -10.01
CA ILE A 16 -29.36 -18.25 -8.63
C ILE A 16 -29.94 -19.64 -8.56
N GLN A 17 -30.45 -20.14 -9.67
CA GLN A 17 -30.99 -21.49 -9.64
C GLN A 17 -29.81 -22.39 -9.32
N HIS A 18 -28.65 -22.14 -9.96
CA HIS A 18 -27.45 -22.93 -9.67
C HIS A 18 -26.98 -22.59 -8.26
N GLY A 19 -27.20 -21.36 -7.84
CA GLY A 19 -26.82 -20.96 -6.49
C GLY A 19 -27.67 -21.74 -5.49
N ALA A 20 -28.99 -21.67 -5.65
CA ALA A 20 -29.93 -22.36 -4.78
C ALA A 20 -29.84 -23.86 -4.95
N ALA A 21 -29.24 -24.32 -6.05
CA ALA A 21 -29.10 -25.75 -6.28
C ALA A 21 -27.95 -26.29 -5.45
N ALA A 22 -26.91 -25.47 -5.26
CA ALA A 22 -25.76 -25.93 -4.49
C ALA A 22 -26.21 -26.43 -3.12
N TYR A 23 -27.36 -25.94 -2.68
CA TYR A 23 -27.95 -26.31 -1.39
C TYR A 23 -28.52 -27.72 -1.29
N CYS A 24 -28.25 -28.56 -2.30
CA CYS A 24 -28.75 -29.93 -2.26
C CYS A 24 -28.18 -30.85 -3.32
N ASN A 25 -27.37 -30.32 -4.23
CA ASN A 25 -26.75 -31.15 -5.26
C ASN A 25 -25.26 -31.25 -4.95
N SER A 26 -24.91 -30.75 -3.77
CA SER A 26 -23.53 -30.74 -3.32
C SER A 26 -23.24 -32.07 -2.65
N GLU A 27 -24.04 -33.06 -3.02
CA GLU A 27 -23.91 -34.40 -2.50
C GLU A 27 -24.16 -35.38 -3.62
N ALA A 28 -24.77 -34.87 -4.69
CA ALA A 28 -25.12 -35.65 -5.87
C ALA A 28 -23.91 -36.36 -6.46
N PRO A 29 -24.13 -37.57 -6.98
CA PRO A 29 -23.15 -38.46 -7.61
C PRO A 29 -22.98 -38.07 -9.07
N ALA A 30 -21.81 -38.33 -9.63
CA ALA A 30 -21.58 -37.96 -11.03
C ALA A 30 -22.77 -38.48 -11.84
N GLY A 31 -22.97 -37.92 -13.04
CA GLY A 31 -24.05 -38.35 -13.90
C GLY A 31 -25.45 -37.94 -13.45
N ALA A 32 -25.63 -37.70 -12.16
CA ALA A 32 -26.92 -37.29 -11.62
C ALA A 32 -27.39 -36.03 -12.33
N LYS A 33 -28.66 -35.70 -12.17
CA LYS A 33 -29.22 -34.53 -12.81
C LYS A 33 -29.49 -33.46 -11.78
N VAL A 34 -28.82 -32.32 -11.91
CA VAL A 34 -29.03 -31.22 -10.99
C VAL A 34 -30.54 -31.15 -10.81
N THR A 35 -30.99 -31.17 -9.57
CA THR A 35 -32.41 -31.14 -9.28
C THR A 35 -32.69 -30.41 -7.98
N CYS A 36 -33.77 -29.64 -7.97
CA CYS A 36 -34.16 -28.88 -6.79
C CYS A 36 -35.65 -29.08 -6.54
N SER A 37 -36.03 -29.12 -5.27
CA SER A 37 -37.43 -29.27 -4.91
C SER A 37 -37.96 -27.90 -4.51
N GLY A 38 -39.23 -27.65 -4.76
CA GLY A 38 -39.81 -26.36 -4.41
C GLY A 38 -39.53 -25.35 -5.50
N ASN A 39 -39.46 -25.83 -6.75
CA ASN A 39 -39.19 -24.98 -7.90
C ASN A 39 -37.86 -24.25 -7.69
N GLY A 40 -36.97 -24.85 -6.90
CA GLY A 40 -35.69 -24.24 -6.61
C GLY A 40 -34.88 -23.83 -7.82
N CYS A 41 -34.93 -24.64 -8.88
CA CYS A 41 -34.14 -24.34 -10.06
C CYS A 41 -34.71 -24.95 -11.35
N PRO A 42 -36.02 -24.78 -11.60
CA PRO A 42 -36.70 -25.32 -12.77
C PRO A 42 -35.97 -25.16 -14.11
N THR A 43 -35.41 -23.99 -14.37
CA THR A 43 -34.72 -23.80 -15.65
C THR A 43 -33.54 -24.75 -15.74
N VAL A 44 -32.75 -24.84 -14.68
CA VAL A 44 -31.61 -25.75 -14.68
C VAL A 44 -32.08 -27.16 -15.02
N GLN A 45 -33.23 -27.55 -14.47
CA GLN A 45 -33.78 -28.87 -14.73
C GLN A 45 -34.35 -28.98 -16.14
N SER A 46 -34.86 -27.87 -16.67
CA SER A 46 -35.40 -27.86 -18.03
C SER A 46 -34.28 -28.20 -19.01
N ASN A 47 -33.13 -27.54 -18.84
CA ASN A 47 -31.97 -27.82 -19.67
C ASN A 47 -31.50 -29.15 -19.10
N GLY A 48 -30.41 -29.71 -19.60
CA GLY A 48 -29.98 -30.98 -19.07
C GLY A 48 -28.83 -30.93 -18.09
N ALA A 49 -28.84 -29.94 -17.19
CA ALA A 49 -27.76 -29.78 -16.21
C ALA A 49 -27.47 -31.07 -15.43
N THR A 50 -26.25 -31.56 -15.59
CA THR A 50 -25.80 -32.79 -14.96
C THR A 50 -24.55 -32.57 -14.12
N ILE A 51 -24.38 -33.37 -13.07
CA ILE A 51 -23.22 -33.25 -12.20
C ILE A 51 -21.99 -33.94 -12.77
N VAL A 52 -20.85 -33.27 -12.68
CA VAL A 52 -19.61 -33.86 -13.14
C VAL A 52 -18.95 -34.40 -11.89
N ALA A 53 -19.27 -33.76 -10.77
CA ALA A 53 -18.75 -34.16 -9.48
C ALA A 53 -19.28 -33.21 -8.43
N SER A 54 -19.40 -33.71 -7.21
CA SER A 54 -19.85 -32.89 -6.10
C SER A 54 -18.75 -33.05 -5.05
N PHE A 55 -18.72 -32.16 -4.09
CA PHE A 55 -17.67 -32.24 -3.08
C PHE A 55 -18.04 -31.46 -1.82
N THR A 56 -17.46 -31.88 -0.69
CA THR A 56 -17.73 -31.21 0.57
C THR A 56 -16.50 -31.19 1.46
N GLY A 57 -16.26 -30.04 2.07
CA GLY A 57 -15.13 -29.91 2.98
C GLY A 57 -15.62 -30.13 4.40
N SER A 58 -15.50 -31.35 4.87
CA SER A 58 -15.97 -31.69 6.20
C SER A 58 -15.57 -30.68 7.28
N LYS A 59 -14.29 -30.39 7.36
CA LYS A 59 -13.76 -29.47 8.35
C LYS A 59 -14.26 -28.04 8.22
N THR A 60 -14.97 -27.73 7.15
CA THR A 60 -15.37 -26.35 7.00
C THR A 60 -16.83 -26.08 6.60
N GLY A 61 -17.54 -27.12 6.17
CA GLY A 61 -18.92 -26.97 5.79
C GLY A 61 -19.12 -26.59 4.33
N ILE A 62 -18.06 -26.13 3.67
CA ILE A 62 -18.21 -25.78 2.27
C ILE A 62 -18.74 -26.99 1.52
N GLY A 63 -19.37 -26.72 0.40
CA GLY A 63 -19.93 -27.79 -0.41
C GLY A 63 -20.08 -27.19 -1.78
N GLY A 64 -20.05 -28.03 -2.81
CA GLY A 64 -20.19 -27.49 -4.15
C GLY A 64 -20.26 -28.58 -5.18
N TYR A 65 -20.52 -28.18 -6.42
CA TYR A 65 -20.63 -29.12 -7.52
C TYR A 65 -20.28 -28.48 -8.85
N VAL A 66 -19.96 -29.32 -9.82
CA VAL A 66 -19.62 -28.87 -11.17
C VAL A 66 -20.62 -29.53 -12.09
N ALA A 67 -21.38 -28.73 -12.83
CA ALA A 67 -22.36 -29.30 -13.74
C ALA A 67 -22.16 -28.80 -15.16
N THR A 68 -22.73 -29.55 -16.10
CA THR A 68 -22.64 -29.22 -17.51
C THR A 68 -24.05 -28.97 -18.00
N ASP A 69 -24.20 -27.98 -18.86
CA ASP A 69 -25.50 -27.58 -19.40
C ASP A 69 -25.56 -27.84 -20.90
N PRO A 70 -26.12 -28.99 -21.32
CA PRO A 70 -26.23 -29.32 -22.75
C PRO A 70 -26.92 -28.23 -23.57
N THR A 71 -27.87 -27.54 -22.93
CA THR A 71 -28.63 -26.47 -23.56
C THR A 71 -27.83 -25.17 -23.65
N ARG A 72 -27.28 -24.72 -22.54
CA ARG A 72 -26.51 -23.47 -22.52
C ARG A 72 -25.09 -23.63 -23.05
N LYS A 73 -24.63 -24.86 -23.17
CA LYS A 73 -23.27 -25.07 -23.62
C LYS A 73 -22.35 -24.33 -22.67
N GLU A 74 -22.36 -24.72 -21.40
CA GLU A 74 -21.51 -24.09 -20.39
C GLU A 74 -21.22 -25.05 -19.24
N ILE A 75 -20.22 -24.71 -18.44
CA ILE A 75 -19.84 -25.51 -17.30
C ILE A 75 -19.91 -24.60 -16.08
N VAL A 76 -20.76 -24.93 -15.11
CA VAL A 76 -20.87 -24.08 -13.94
C VAL A 76 -20.31 -24.75 -12.68
N VAL A 77 -19.70 -23.96 -11.79
CA VAL A 77 -19.13 -24.45 -10.53
C VAL A 77 -19.92 -23.77 -9.41
N SER A 78 -20.82 -24.49 -8.74
CA SER A 78 -21.64 -23.86 -7.68
C SER A 78 -21.25 -24.22 -6.26
N PHE A 79 -21.07 -23.20 -5.41
CA PHE A 79 -20.72 -23.44 -4.02
C PHE A 79 -21.90 -23.02 -3.16
N ARG A 80 -22.21 -23.80 -2.12
CA ARG A 80 -23.36 -23.48 -1.27
C ARG A 80 -23.05 -22.55 -0.12
N GLY A 81 -24.04 -21.72 0.22
CA GLY A 81 -23.88 -20.79 1.31
C GLY A 81 -24.07 -21.43 2.67
N SER A 82 -24.46 -20.61 3.63
CA SER A 82 -24.67 -21.05 5.00
C SER A 82 -26.13 -21.44 5.21
N ILE A 83 -26.33 -22.62 5.80
CA ILE A 83 -27.67 -23.13 6.09
C ILE A 83 -28.15 -22.39 7.33
N ASN A 84 -27.22 -21.73 8.00
CA ASN A 84 -27.52 -20.98 9.21
C ASN A 84 -26.83 -19.62 9.15
N ILE A 85 -27.33 -18.73 8.30
CA ILE A 85 -26.72 -17.40 8.15
C ILE A 85 -26.86 -16.44 9.34
N ARG A 86 -28.04 -16.36 9.95
CA ARG A 86 -28.18 -15.45 11.08
C ARG A 86 -27.18 -15.86 12.16
N ASN A 87 -26.76 -17.11 12.13
CA ASN A 87 -25.78 -17.61 13.08
C ASN A 87 -24.44 -16.98 12.74
N TRP A 88 -24.08 -17.07 11.46
CA TRP A 88 -22.82 -16.53 10.96
C TRP A 88 -22.69 -15.05 11.32
N LEU A 89 -23.79 -14.32 11.21
CA LEU A 89 -23.74 -12.91 11.53
C LEU A 89 -23.43 -12.66 13.01
N THR A 90 -24.02 -13.44 13.91
CA THR A 90 -23.77 -13.24 15.32
C THR A 90 -22.33 -13.53 15.73
N ASN A 91 -21.63 -14.37 14.96
CA ASN A 91 -20.25 -14.73 15.28
C ASN A 91 -19.20 -13.75 14.76
N LEU A 92 -19.62 -12.83 13.90
CA LEU A 92 -18.73 -11.82 13.35
C LEU A 92 -17.38 -12.38 12.88
N ASP A 93 -17.44 -13.21 11.85
CA ASP A 93 -16.27 -13.84 11.26
C ASP A 93 -15.52 -12.83 10.39
N PHE A 94 -14.53 -12.14 10.97
CA PHE A 94 -13.79 -11.13 10.23
C PHE A 94 -12.28 -11.34 10.08
N ASP A 95 -11.71 -12.25 10.87
CA ASP A 95 -10.28 -12.49 10.80
C ASP A 95 -9.81 -12.70 9.36
N GLN A 96 -8.76 -12.00 8.96
CA GLN A 96 -8.27 -12.19 7.61
C GLN A 96 -6.82 -12.65 7.55
N ASP A 97 -6.61 -13.70 6.79
CA ASP A 97 -5.30 -14.29 6.58
C ASP A 97 -4.56 -13.60 5.44
N ASP A 98 -3.39 -14.14 5.13
CA ASP A 98 -2.59 -13.65 4.03
C ASP A 98 -2.97 -14.42 2.79
N CYS A 99 -2.86 -13.77 1.64
CA CYS A 99 -3.18 -14.41 0.38
C CYS A 99 -2.02 -14.18 -0.59
N SER A 100 -1.80 -15.14 -1.49
CA SER A 100 -0.70 -15.04 -2.44
C SER A 100 -1.17 -14.90 -3.89
N LEU A 101 -2.20 -14.10 -4.12
CA LEU A 101 -2.71 -13.88 -5.47
C LEU A 101 -2.09 -12.62 -6.05
N THR A 102 -1.84 -11.64 -5.19
CA THR A 102 -1.24 -10.38 -5.60
C THR A 102 -0.37 -9.86 -4.48
N SER A 103 0.47 -8.88 -4.78
CA SER A 103 1.32 -8.31 -3.77
C SER A 103 0.44 -7.79 -2.65
N GLY A 104 0.86 -7.99 -1.41
CA GLY A 104 0.11 -7.50 -0.26
C GLY A 104 -1.36 -7.88 -0.20
N CYS A 105 -1.69 -9.05 -0.72
CA CYS A 105 -3.07 -9.54 -0.75
C CYS A 105 -3.55 -10.08 0.59
N GLY A 106 -4.71 -9.61 1.03
CA GLY A 106 -5.29 -10.09 2.26
C GLY A 106 -6.62 -10.75 1.96
N VAL A 107 -6.97 -11.79 2.71
CA VAL A 107 -8.24 -12.48 2.48
C VAL A 107 -8.86 -12.99 3.80
N HIS A 108 -10.16 -13.26 3.77
CA HIS A 108 -10.93 -13.74 4.91
C HIS A 108 -10.62 -15.21 5.14
N SER A 109 -10.05 -15.56 6.29
CA SER A 109 -9.69 -16.95 6.57
C SER A 109 -10.72 -17.96 6.07
N GLY A 110 -11.83 -18.06 6.79
CA GLY A 110 -12.88 -19.00 6.42
C GLY A 110 -13.06 -19.25 4.93
N PHE A 111 -13.43 -18.21 4.19
CA PHE A 111 -13.64 -18.33 2.76
C PHE A 111 -12.45 -19.03 2.10
N GLN A 112 -11.25 -18.53 2.34
CA GLN A 112 -10.08 -19.17 1.73
C GLN A 112 -9.89 -20.61 2.24
N ASN A 113 -10.07 -20.85 3.53
CA ASN A 113 -9.91 -22.21 4.03
C ASN A 113 -10.90 -23.14 3.34
N ALA A 114 -12.16 -22.70 3.26
CA ALA A 114 -13.20 -23.48 2.60
C ALA A 114 -12.77 -23.80 1.18
N TRP A 115 -12.28 -22.81 0.46
CA TRP A 115 -11.85 -23.01 -0.90
C TRP A 115 -10.73 -23.99 -0.94
N ASN A 116 -9.85 -23.90 0.04
CA ASN A 116 -8.71 -24.80 0.07
C ASN A 116 -9.11 -26.22 0.42
N GLU A 117 -10.17 -26.35 1.18
CA GLU A 117 -10.55 -27.69 1.58
C GLU A 117 -11.10 -28.51 0.43
N ILE A 118 -11.73 -27.84 -0.53
CA ILE A 118 -12.34 -28.53 -1.66
C ILE A 118 -11.84 -28.14 -3.04
N SER A 119 -10.72 -27.41 -3.09
CA SER A 119 -10.15 -26.93 -4.37
C SER A 119 -9.70 -27.99 -5.40
N ALA A 120 -9.00 -29.02 -4.94
CA ALA A 120 -8.51 -30.07 -5.82
C ALA A 120 -9.62 -30.74 -6.60
N ALA A 121 -10.64 -31.19 -5.88
CA ALA A 121 -11.79 -31.84 -6.48
C ALA A 121 -12.49 -30.83 -7.37
N ALA A 122 -12.70 -29.64 -6.84
CA ALA A 122 -13.36 -28.58 -7.58
C ALA A 122 -12.68 -28.38 -8.92
N THR A 123 -11.36 -28.20 -8.89
CA THR A 123 -10.57 -27.99 -10.11
C THR A 123 -10.70 -29.12 -11.13
N ALA A 124 -10.34 -30.33 -10.74
CA ALA A 124 -10.41 -31.48 -11.62
C ALA A 124 -11.79 -31.62 -12.27
N ALA A 125 -12.86 -31.40 -11.50
CA ALA A 125 -14.21 -31.53 -12.04
C ALA A 125 -14.42 -30.54 -13.20
N VAL A 126 -13.95 -29.31 -13.02
CA VAL A 126 -14.07 -28.32 -14.07
C VAL A 126 -13.31 -28.81 -15.28
N ALA A 127 -12.14 -29.40 -15.06
CA ALA A 127 -11.34 -29.90 -16.17
C ALA A 127 -12.03 -31.09 -16.83
N LYS A 128 -12.44 -32.07 -16.02
CA LYS A 128 -13.10 -33.28 -16.53
C LYS A 128 -14.25 -32.98 -17.48
N ALA A 129 -15.02 -31.95 -17.18
CA ALA A 129 -16.15 -31.57 -18.01
C ALA A 129 -15.74 -30.46 -18.98
N ARG A 130 -14.45 -30.18 -19.01
CA ARG A 130 -13.89 -29.15 -19.86
C ARG A 130 -13.34 -29.82 -21.12
N LYS A 131 -12.75 -30.98 -20.89
CA LYS A 131 -12.17 -31.81 -21.94
C LYS A 131 -13.32 -32.55 -22.64
N ALA A 132 -14.35 -32.89 -21.87
CA ALA A 132 -15.52 -33.61 -22.38
C ALA A 132 -16.50 -32.74 -23.14
N ASN A 133 -16.29 -31.44 -23.09
CA ASN A 133 -17.16 -30.48 -23.77
C ASN A 133 -16.27 -29.28 -24.09
N PRO A 134 -15.25 -29.49 -24.93
CA PRO A 134 -14.30 -28.46 -25.35
C PRO A 134 -14.84 -27.15 -25.90
N SER A 135 -16.15 -27.06 -26.13
CA SER A 135 -16.73 -25.82 -26.66
C SER A 135 -17.31 -24.94 -25.57
N PHE A 136 -17.85 -25.59 -24.53
CA PHE A 136 -18.49 -24.93 -23.39
C PHE A 136 -17.62 -23.90 -22.68
N LYS A 137 -18.26 -22.85 -22.20
CA LYS A 137 -17.54 -21.82 -21.45
C LYS A 137 -17.75 -22.15 -19.97
N VAL A 138 -17.03 -21.46 -19.07
CA VAL A 138 -17.17 -21.74 -17.65
C VAL A 138 -17.76 -20.57 -16.86
N VAL A 139 -18.39 -20.90 -15.74
CA VAL A 139 -19.00 -19.90 -14.88
C VAL A 139 -18.88 -20.34 -13.42
N SER A 140 -18.59 -19.40 -12.53
CA SER A 140 -18.48 -19.72 -11.12
C SER A 140 -19.58 -18.99 -10.37
N VAL A 141 -20.47 -19.73 -9.71
CA VAL A 141 -21.61 -19.15 -9.00
C VAL A 141 -21.61 -19.41 -7.49
N GLY A 142 -22.54 -18.77 -6.78
CA GLY A 142 -22.66 -18.94 -5.34
C GLY A 142 -23.45 -17.83 -4.71
N HIS A 143 -24.35 -18.18 -3.79
CA HIS A 143 -25.16 -17.19 -3.06
C HIS A 143 -24.67 -17.18 -1.63
N SER A 144 -24.63 -16.01 -1.01
CA SER A 144 -24.19 -15.91 0.38
C SER A 144 -22.69 -16.23 0.57
N LEU A 145 -22.32 -16.77 1.71
CA LEU A 145 -20.94 -17.08 1.93
C LEU A 145 -20.55 -17.96 0.73
N GLY A 146 -21.53 -18.69 0.23
CA GLY A 146 -21.29 -19.54 -0.91
C GLY A 146 -20.70 -18.71 -2.03
N GLY A 147 -21.14 -17.47 -2.16
CA GLY A 147 -20.62 -16.62 -3.20
C GLY A 147 -19.20 -16.16 -2.93
N ALA A 148 -18.86 -15.97 -1.66
CA ALA A 148 -17.53 -15.52 -1.28
C ALA A 148 -16.54 -16.51 -1.85
N VAL A 149 -16.67 -17.76 -1.39
CA VAL A 149 -15.80 -18.82 -1.85
C VAL A 149 -15.90 -18.89 -3.37
N ALA A 150 -17.03 -18.49 -3.93
CA ALA A 150 -17.21 -18.54 -5.38
C ALA A 150 -16.24 -17.60 -6.09
N THR A 151 -15.95 -16.45 -5.48
CA THR A 151 -15.05 -15.49 -6.08
C THR A 151 -13.62 -16.03 -6.10
N LEU A 152 -13.15 -16.57 -4.97
CA LEU A 152 -11.81 -17.13 -4.91
C LEU A 152 -11.59 -18.21 -5.98
N ALA A 153 -12.43 -19.24 -5.98
CA ALA A 153 -12.34 -20.31 -6.96
C ALA A 153 -12.30 -19.71 -8.36
N GLY A 154 -12.95 -18.58 -8.52
CA GLY A 154 -12.94 -17.94 -9.81
C GLY A 154 -11.54 -17.43 -10.04
N ALA A 155 -11.06 -16.62 -9.09
CA ALA A 155 -9.73 -16.05 -9.16
C ALA A 155 -8.65 -17.09 -9.39
N ASN A 156 -8.72 -18.19 -8.64
CA ASN A 156 -7.71 -19.22 -8.79
C ASN A 156 -7.88 -20.03 -10.07
N LEU A 157 -9.11 -20.42 -10.38
CA LEU A 157 -9.35 -21.18 -11.58
C LEU A 157 -8.79 -20.40 -12.77
N ARG A 158 -8.96 -19.08 -12.74
CA ARG A 158 -8.48 -18.23 -13.80
C ARG A 158 -6.95 -18.38 -13.93
N ILE A 159 -6.22 -18.01 -12.89
CA ILE A 159 -4.77 -18.13 -12.94
C ILE A 159 -4.43 -19.54 -13.34
N GLY A 160 -5.36 -20.45 -13.07
CA GLY A 160 -5.15 -21.84 -13.42
C GLY A 160 -5.10 -22.02 -14.92
N GLY A 161 -5.62 -21.06 -15.66
CA GLY A 161 -5.60 -21.17 -17.11
C GLY A 161 -6.96 -21.12 -17.76
N THR A 162 -7.98 -21.60 -17.04
CA THR A 162 -9.33 -21.60 -17.57
C THR A 162 -10.09 -20.31 -17.25
N PRO A 163 -10.40 -19.52 -18.29
CA PRO A 163 -11.12 -18.25 -18.18
C PRO A 163 -12.50 -18.42 -17.54
N LEU A 164 -12.94 -17.39 -16.82
CA LEU A 164 -14.22 -17.47 -16.13
C LEU A 164 -15.22 -16.36 -16.35
N ASP A 165 -16.08 -16.22 -15.36
CA ASP A 165 -17.17 -15.25 -15.32
C ASP A 165 -17.86 -15.65 -14.01
N ILE A 166 -17.67 -14.85 -12.97
CA ILE A 166 -18.25 -15.15 -11.66
C ILE A 166 -19.59 -14.47 -11.41
N TYR A 167 -20.59 -15.24 -10.97
CA TYR A 167 -21.91 -14.68 -10.65
C TYR A 167 -22.19 -14.91 -9.17
N THR A 168 -22.41 -13.83 -8.43
CA THR A 168 -22.67 -13.91 -6.99
C THR A 168 -23.95 -13.19 -6.57
N TYR A 169 -24.52 -13.62 -5.45
CA TYR A 169 -25.74 -13.05 -4.90
C TYR A 169 -25.67 -12.96 -3.37
N GLY A 170 -25.66 -11.74 -2.84
CA GLY A 170 -25.60 -11.57 -1.40
C GLY A 170 -24.25 -11.94 -0.84
N SER A 171 -23.23 -11.92 -1.69
CA SER A 171 -21.87 -12.25 -1.27
C SER A 171 -21.26 -11.27 -0.28
N PRO A 172 -20.52 -11.76 0.71
CA PRO A 172 -19.94 -10.76 1.60
C PRO A 172 -18.64 -10.34 0.94
N ARG A 173 -18.08 -9.21 1.37
CA ARG A 173 -16.82 -8.76 0.79
C ARG A 173 -15.91 -9.95 1.02
N VAL A 174 -14.99 -10.25 0.11
CA VAL A 174 -14.16 -11.43 0.32
C VAL A 174 -12.68 -11.20 0.71
N GLY A 175 -12.09 -10.11 0.26
CA GLY A 175 -10.70 -9.82 0.61
C GLY A 175 -10.42 -8.35 0.89
N ASN A 176 -9.21 -7.90 0.62
CA ASN A 176 -8.89 -6.49 0.85
C ASN A 176 -8.68 -5.74 -0.47
N THR A 177 -8.41 -4.45 -0.34
CA THR A 177 -8.20 -3.58 -1.50
C THR A 177 -7.54 -4.24 -2.69
N GLN A 178 -6.35 -4.82 -2.49
CA GLN A 178 -5.63 -5.45 -3.60
C GLN A 178 -6.14 -6.81 -4.07
N LEU A 179 -6.85 -7.54 -3.23
CA LEU A 179 -7.37 -8.83 -3.69
C LEU A 179 -8.61 -8.52 -4.54
N ALA A 180 -9.38 -7.53 -4.10
CA ALA A 180 -10.58 -7.14 -4.82
C ALA A 180 -10.19 -6.57 -6.17
N ALA A 181 -9.09 -5.82 -6.20
CA ALA A 181 -8.61 -5.21 -7.44
C ALA A 181 -8.16 -6.29 -8.39
N PHE A 182 -7.33 -7.21 -7.89
CA PHE A 182 -6.84 -8.31 -8.71
C PHE A 182 -8.00 -8.98 -9.46
N VAL A 183 -8.99 -9.49 -8.72
CA VAL A 183 -10.14 -10.14 -9.32
C VAL A 183 -10.90 -9.18 -10.26
N SER A 184 -11.12 -7.94 -9.81
CA SER A 184 -11.83 -6.95 -10.63
C SER A 184 -11.13 -6.83 -11.98
N ASN A 185 -9.82 -6.59 -11.93
CA ASN A 185 -8.98 -6.40 -13.13
C ASN A 185 -8.67 -7.69 -13.85
N GLN A 186 -8.95 -8.81 -13.20
CA GLN A 186 -8.70 -10.10 -13.82
C GLN A 186 -9.65 -10.19 -15.00
N ALA A 187 -9.14 -10.63 -16.14
CA ALA A 187 -9.98 -10.79 -17.33
C ALA A 187 -11.25 -11.52 -16.93
N GLY A 188 -12.36 -11.15 -17.56
CA GLY A 188 -13.63 -11.79 -17.24
C GLY A 188 -14.47 -10.88 -16.38
N GLY A 189 -15.73 -11.25 -16.18
CA GLY A 189 -16.60 -10.42 -15.38
C GLY A 189 -16.90 -10.98 -14.02
N GLU A 190 -17.17 -10.08 -13.07
CA GLU A 190 -17.52 -10.46 -11.71
C GLU A 190 -18.83 -9.74 -11.41
N PHE A 191 -19.95 -10.30 -11.84
CA PHE A 191 -21.25 -9.67 -11.61
C PHE A 191 -21.78 -9.99 -10.22
N ARG A 192 -21.58 -9.13 -9.22
CA ARG A 192 -22.14 -9.47 -7.93
C ARG A 192 -23.44 -8.71 -7.70
N VAL A 193 -24.50 -9.47 -7.46
CA VAL A 193 -25.81 -8.89 -7.23
C VAL A 193 -26.13 -8.80 -5.75
N THR A 194 -26.71 -7.69 -5.34
CA THR A 194 -27.08 -7.48 -3.95
C THR A 194 -28.57 -7.12 -3.89
N ASN A 195 -29.26 -7.55 -2.83
CA ASN A 195 -30.69 -7.26 -2.71
C ASN A 195 -31.04 -6.26 -1.60
N ALA A 196 -31.61 -5.13 -2.01
CA ALA A 196 -32.02 -4.09 -1.09
C ALA A 196 -31.06 -3.91 0.08
N LYS A 197 -31.55 -4.17 1.29
CA LYS A 197 -30.76 -4.02 2.50
C LYS A 197 -30.27 -5.32 3.12
N ASP A 198 -29.90 -6.28 2.28
CA ASP A 198 -29.35 -7.56 2.75
C ASP A 198 -28.17 -7.16 3.63
N PRO A 199 -28.13 -7.62 4.89
CA PRO A 199 -27.01 -7.22 5.75
C PRO A 199 -25.65 -7.87 5.49
N VAL A 200 -25.59 -8.96 4.75
CA VAL A 200 -24.29 -9.60 4.52
C VAL A 200 -23.43 -8.97 3.41
N PRO A 201 -24.03 -8.40 2.35
CA PRO A 201 -23.20 -7.80 1.30
C PRO A 201 -22.35 -6.64 1.82
N ARG A 202 -22.57 -6.25 3.07
CA ARG A 202 -21.78 -5.17 3.67
C ARG A 202 -20.87 -5.67 4.80
N LEU A 203 -20.41 -6.91 4.67
CA LEU A 203 -19.49 -7.52 5.63
C LEU A 203 -18.47 -8.42 4.95
N PRO A 204 -17.24 -8.46 5.50
CA PRO A 204 -16.86 -7.69 6.68
C PRO A 204 -16.84 -6.17 6.41
N PRO A 205 -16.72 -5.36 7.47
CA PRO A 205 -16.70 -3.89 7.41
C PRO A 205 -15.59 -3.25 6.59
N LEU A 206 -15.92 -2.11 5.96
CA LEU A 206 -14.91 -1.40 5.19
C LEU A 206 -13.79 -1.07 6.14
N ILE A 207 -14.15 -0.63 7.34
CA ILE A 207 -13.14 -0.26 8.34
C ILE A 207 -12.16 -1.36 8.70
N PHE A 208 -12.41 -2.58 8.25
CA PHE A 208 -11.51 -3.66 8.59
C PHE A 208 -10.70 -4.17 7.39
N GLY A 209 -10.51 -3.26 6.43
CA GLY A 209 -9.72 -3.57 5.26
C GLY A 209 -10.47 -4.16 4.08
N TYR A 210 -11.52 -4.92 4.38
CA TYR A 210 -12.30 -5.58 3.36
C TYR A 210 -12.97 -4.64 2.35
N ARG A 211 -12.68 -4.87 1.07
CA ARG A 211 -13.24 -4.08 -0.01
C ARG A 211 -14.04 -5.04 -0.85
N HIS A 212 -14.65 -4.55 -1.92
CA HIS A 212 -15.47 -5.38 -2.80
C HIS A 212 -14.96 -5.34 -4.23
N THR A 213 -15.61 -6.12 -5.10
CA THR A 213 -15.27 -6.14 -6.51
C THR A 213 -16.28 -5.27 -7.26
N SER A 214 -15.81 -4.59 -8.30
CA SER A 214 -16.69 -3.73 -9.07
C SER A 214 -17.05 -4.43 -10.38
N PRO A 215 -18.26 -4.19 -10.89
CA PRO A 215 -19.29 -3.33 -10.33
C PRO A 215 -20.18 -4.05 -9.33
N GLU A 216 -21.33 -3.44 -9.05
CA GLU A 216 -22.31 -3.98 -8.14
C GLU A 216 -23.65 -3.78 -8.81
N TYR A 217 -24.42 -4.85 -8.97
CA TYR A 217 -25.75 -4.74 -9.58
C TYR A 217 -26.76 -4.87 -8.43
N TRP A 218 -27.12 -3.72 -7.86
CA TRP A 218 -28.04 -3.65 -6.72
C TRP A 218 -29.50 -3.64 -7.10
N LEU A 219 -30.30 -4.46 -6.42
CA LEU A 219 -31.74 -4.52 -6.67
C LEU A 219 -32.42 -3.52 -5.73
N SER A 220 -32.73 -2.34 -6.25
CA SER A 220 -33.35 -1.27 -5.47
C SER A 220 -34.84 -1.46 -5.30
N GLY A 221 -35.22 -1.85 -4.10
CA GLY A 221 -36.62 -2.06 -3.78
C GLY A 221 -36.75 -2.22 -2.27
N SER A 222 -37.86 -2.79 -1.83
CA SER A 222 -38.10 -3.01 -0.40
C SER A 222 -37.52 -4.39 -0.12
N GLY A 223 -37.59 -5.21 -1.16
CA GLY A 223 -37.09 -6.57 -1.10
C GLY A 223 -37.95 -7.13 0.00
N GLY A 224 -37.32 -7.59 1.06
CA GLY A 224 -38.11 -8.11 2.15
C GLY A 224 -38.11 -9.53 1.72
N ASP A 225 -39.18 -9.88 1.01
CA ASP A 225 -39.40 -11.21 0.48
C ASP A 225 -39.74 -11.04 -1.01
N LYS A 226 -39.55 -9.83 -1.52
CA LYS A 226 -39.82 -9.52 -2.92
C LYS A 226 -39.04 -10.44 -3.87
N ILE A 227 -39.68 -10.79 -4.98
CA ILE A 227 -39.12 -11.68 -5.98
C ILE A 227 -39.20 -11.10 -7.40
N ASP A 228 -40.16 -10.20 -7.59
CA ASP A 228 -40.42 -9.60 -8.89
C ASP A 228 -39.64 -8.38 -9.31
N TYR A 229 -38.33 -8.34 -9.11
CA TYR A 229 -37.57 -7.17 -9.55
C TYR A 229 -37.40 -7.29 -11.05
N THR A 230 -37.01 -6.21 -11.71
CA THR A 230 -36.82 -6.22 -13.15
C THR A 230 -35.60 -5.37 -13.49
N ILE A 231 -35.19 -5.38 -14.76
CA ILE A 231 -34.01 -4.60 -15.15
C ILE A 231 -34.09 -3.19 -14.61
N ASN A 232 -35.27 -2.60 -14.71
CA ASN A 232 -35.53 -1.23 -14.28
C ASN A 232 -35.54 -0.96 -12.76
N ASP A 233 -35.23 -1.97 -11.97
CA ASP A 233 -35.19 -1.82 -10.51
C ASP A 233 -33.72 -1.89 -10.14
N VAL A 234 -32.89 -2.09 -11.15
CA VAL A 234 -31.46 -2.20 -10.93
C VAL A 234 -30.74 -0.86 -10.92
N LYS A 235 -29.68 -0.79 -10.13
CA LYS A 235 -28.84 0.40 -10.02
C LYS A 235 -27.45 -0.17 -10.24
N VAL A 236 -26.47 0.66 -10.53
CA VAL A 236 -25.11 0.18 -10.73
C VAL A 236 -24.10 1.13 -10.11
N CYS A 237 -23.49 0.71 -9.02
CA CYS A 237 -22.50 1.50 -8.28
C CYS A 237 -21.17 0.87 -8.62
N GLU A 238 -20.19 1.68 -9.01
CA GLU A 238 -18.88 1.15 -9.35
C GLU A 238 -17.85 1.55 -8.28
N GLY A 239 -16.77 0.78 -8.17
CA GLY A 239 -15.72 1.09 -7.20
C GLY A 239 -15.61 0.15 -6.00
N ALA A 240 -14.40 0.00 -5.47
CA ALA A 240 -14.13 -0.87 -4.32
C ALA A 240 -14.91 -0.46 -3.08
N ALA A 241 -14.77 0.80 -2.68
CA ALA A 241 -15.47 1.31 -1.48
C ALA A 241 -16.62 2.24 -1.79
N ASN A 242 -17.69 1.70 -2.37
CA ASN A 242 -18.89 2.47 -2.72
C ASN A 242 -20.02 2.03 -1.81
N LEU A 243 -20.64 2.99 -1.13
CA LEU A 243 -21.75 2.70 -0.21
C LEU A 243 -23.02 3.41 -0.67
N GLN A 244 -23.08 3.76 -1.95
CA GLN A 244 -24.23 4.44 -2.50
C GLN A 244 -25.31 3.46 -2.83
N CYS A 245 -25.08 2.21 -2.44
CA CYS A 245 -26.04 1.15 -2.70
C CYS A 245 -26.28 0.23 -1.52
N ASN A 246 -25.97 -1.07 -1.67
CA ASN A 246 -26.15 -2.01 -0.56
C ASN A 246 -25.36 -1.53 0.66
N GLY A 247 -24.03 -1.55 0.58
CA GLY A 247 -23.25 -1.06 1.71
C GLY A 247 -23.80 0.32 1.92
N GLY A 248 -24.00 0.75 3.15
CA GLY A 248 -24.58 2.07 3.33
C GLY A 248 -26.05 1.99 3.70
N THR A 249 -26.60 0.78 3.64
CA THR A 249 -27.98 0.51 4.00
C THR A 249 -27.96 0.06 5.45
N LEU A 250 -29.13 -0.23 6.03
CA LEU A 250 -29.18 -0.66 7.43
C LEU A 250 -30.18 -1.74 7.73
N GLY A 251 -30.31 -2.04 9.02
CA GLY A 251 -31.27 -3.03 9.45
C GLY A 251 -30.77 -4.45 9.48
N LEU A 252 -31.69 -5.36 9.73
CA LEU A 252 -31.37 -6.77 9.81
C LEU A 252 -32.34 -7.55 8.93
N ASP A 253 -32.56 -7.07 7.71
CA ASP A 253 -33.49 -7.72 6.78
C ASP A 253 -32.99 -9.02 6.14
N ILE A 254 -32.48 -9.93 6.97
CA ILE A 254 -32.00 -11.24 6.52
C ILE A 254 -32.91 -11.87 5.47
N ASP A 255 -34.21 -11.57 5.54
CA ASP A 255 -35.17 -12.11 4.60
C ASP A 255 -34.71 -11.80 3.17
N ALA A 256 -34.23 -10.58 2.98
CA ALA A 256 -33.75 -10.15 1.69
C ALA A 256 -32.54 -10.95 1.22
N HIS A 257 -31.65 -11.31 2.15
CA HIS A 257 -30.48 -12.09 1.78
C HIS A 257 -31.00 -13.40 1.21
N LEU A 258 -32.14 -13.84 1.74
CA LEU A 258 -32.74 -15.10 1.32
C LEU A 258 -33.68 -15.01 0.12
N HIS A 259 -33.63 -13.88 -0.58
CA HIS A 259 -34.47 -13.69 -1.77
C HIS A 259 -33.73 -12.91 -2.87
N TYR A 260 -33.43 -13.62 -3.95
CA TYR A 260 -32.76 -13.04 -5.11
C TYR A 260 -33.47 -13.58 -6.34
N PHE A 261 -34.52 -12.89 -6.75
CA PHE A 261 -35.31 -13.31 -7.91
C PHE A 261 -36.15 -14.53 -7.52
N GLN A 262 -35.83 -15.13 -6.38
CA GLN A 262 -36.56 -16.31 -5.93
C GLN A 262 -36.10 -16.68 -4.52
N ALA A 263 -36.61 -17.79 -4.02
CA ALA A 263 -36.22 -18.23 -2.70
C ALA A 263 -34.88 -18.96 -2.81
N THR A 264 -33.93 -18.50 -2.03
CA THR A 264 -32.59 -19.08 -1.98
C THR A 264 -32.68 -20.45 -1.34
N ASP A 265 -33.36 -20.44 -0.21
CA ASP A 265 -33.58 -21.59 0.66
C ASP A 265 -34.59 -22.62 0.17
N ALA A 266 -35.03 -22.51 -1.09
CA ALA A 266 -35.99 -23.47 -1.62
C ALA A 266 -35.54 -24.91 -1.36
N CYS A 267 -34.25 -25.23 -1.49
CA CYS A 267 -33.78 -26.64 -1.52
C CYS A 267 -33.40 -27.55 -0.28
N SER A 268 -32.66 -27.15 0.77
CA SER A 268 -32.88 -26.69 2.02
C SER A 268 -31.62 -25.94 2.45
N THR A 290 -26.48 -16.35 19.33
CA THR A 290 -26.19 -16.27 20.75
C THR A 290 -26.40 -14.85 21.31
N MET A 291 -27.19 -14.06 20.58
CA MET A 291 -27.52 -12.68 20.98
C MET A 291 -28.88 -12.31 20.40
N THR A 292 -29.58 -11.37 21.02
CA THR A 292 -30.91 -11.00 20.54
C THR A 292 -30.92 -10.45 19.13
N ASP A 293 -32.09 -9.97 18.71
CA ASP A 293 -32.27 -9.41 17.38
C ASP A 293 -31.89 -7.94 17.38
N ALA A 294 -32.66 -7.14 18.12
CA ALA A 294 -32.39 -5.71 18.21
C ALA A 294 -30.89 -5.55 18.46
N GLU A 295 -30.32 -6.54 19.12
CA GLU A 295 -28.90 -6.55 19.42
C GLU A 295 -28.08 -6.73 18.14
N LEU A 296 -28.25 -7.86 17.46
CA LEU A 296 -27.49 -8.10 16.24
C LEU A 296 -27.62 -6.92 15.30
N GLU A 297 -28.82 -6.34 15.22
CA GLU A 297 -29.06 -5.21 14.34
C GLU A 297 -28.28 -3.96 14.71
N LYS A 298 -28.17 -3.68 16.00
CA LYS A 298 -27.41 -2.52 16.42
C LYS A 298 -25.95 -2.71 16.04
N LYS A 299 -25.35 -3.82 16.45
CA LYS A 299 -23.94 -4.06 16.11
C LYS A 299 -23.70 -3.87 14.62
N LEU A 300 -24.52 -4.51 13.79
CA LEU A 300 -24.33 -4.37 12.35
C LEU A 300 -24.47 -2.94 11.89
N ASN A 301 -25.49 -2.23 12.37
CA ASN A 301 -25.68 -0.84 12.00
C ASN A 301 -24.39 -0.09 12.31
N SER A 302 -23.96 -0.23 13.56
CA SER A 302 -22.77 0.40 14.07
C SER A 302 -21.64 0.33 13.04
N TYR A 303 -21.45 -0.84 12.45
CA TYR A 303 -20.39 -1.02 11.45
C TYR A 303 -20.58 -0.13 10.23
N VAL A 304 -21.73 -0.21 9.59
CA VAL A 304 -21.98 0.59 8.40
C VAL A 304 -21.95 2.07 8.78
N GLU A 305 -22.07 2.34 10.08
CA GLU A 305 -22.02 3.72 10.55
C GLU A 305 -20.54 4.12 10.60
N MET A 306 -19.68 3.14 10.86
CA MET A 306 -18.24 3.37 10.89
C MET A 306 -17.73 3.44 9.46
N ASP A 307 -18.20 2.52 8.61
CA ASP A 307 -17.79 2.49 7.21
C ASP A 307 -18.08 3.80 6.50
N LYS A 308 -19.16 4.47 6.90
CA LYS A 308 -19.49 5.73 6.26
C LYS A 308 -18.56 6.84 6.74
N GLU A 309 -18.27 6.85 8.04
CA GLU A 309 -17.37 7.87 8.60
C GLU A 309 -15.99 7.71 7.98
N TYR A 310 -15.64 6.49 7.60
CA TYR A 310 -14.36 6.19 6.95
C TYR A 310 -14.36 6.84 5.58
N ILE A 311 -15.36 6.51 4.78
CA ILE A 311 -15.46 7.08 3.45
C ILE A 311 -15.53 8.59 3.52
N LYS A 312 -16.28 9.09 4.49
CA LYS A 312 -16.43 10.53 4.68
C LYS A 312 -15.06 11.20 4.82
N THR A 313 -14.26 10.69 5.77
CA THR A 313 -12.96 11.26 6.07
C THR A 313 -11.85 11.01 5.04
N HIS A 314 -12.15 10.32 3.96
CA HIS A 314 -11.14 10.09 2.92
C HIS A 314 -11.61 10.71 1.61
N ALA A 315 -12.71 11.44 1.67
CA ALA A 315 -13.27 12.08 0.49
C ALA A 315 -12.21 12.82 -0.29
N SER A 316 -11.47 13.70 0.38
CA SER A 316 -10.43 14.49 -0.27
C SER A 316 -9.10 13.79 -0.55
N ARG A 317 -9.11 12.46 -0.56
CA ARG A 317 -7.89 11.71 -0.80
C ARG A 317 -7.75 11.19 -2.22
N SER A 318 -6.81 10.25 -2.39
CA SER A 318 -6.51 9.63 -3.68
C SER A 318 -5.90 10.71 -4.59
N ALA B 1 16.52 -4.10 21.02
CA ALA B 1 15.17 -3.47 21.13
C ALA B 1 15.28 -2.00 21.53
N VAL B 2 14.18 -1.43 22.01
CA VAL B 2 14.18 -0.04 22.42
C VAL B 2 14.14 0.10 23.93
N SER B 3 14.99 0.98 24.46
CA SER B 3 15.06 1.21 25.88
C SER B 3 15.03 2.69 26.24
N VAL B 4 14.65 2.98 27.49
CA VAL B 4 14.59 4.36 27.98
C VAL B 4 15.77 4.61 28.92
N SER B 5 16.79 5.28 28.43
CA SER B 5 17.96 5.57 29.24
C SER B 5 17.73 6.73 30.17
N THR B 6 18.36 6.67 31.34
CA THR B 6 18.24 7.73 32.33
C THR B 6 18.37 9.09 31.66
N THR B 7 19.27 9.18 30.70
CA THR B 7 19.47 10.43 30.00
C THR B 7 18.20 10.75 29.21
N ASP B 8 17.70 9.80 28.43
CA ASP B 8 16.47 10.03 27.65
C ASP B 8 15.36 10.57 28.55
N PHE B 9 15.19 9.98 29.73
CA PHE B 9 14.15 10.40 30.66
C PHE B 9 14.27 11.86 31.00
N GLY B 10 15.50 12.34 31.18
CA GLY B 10 15.71 13.74 31.51
C GLY B 10 15.14 14.54 30.36
N ASN B 11 15.47 14.08 29.15
CA ASN B 11 15.00 14.71 27.92
C ASN B 11 13.48 14.72 27.87
N PHE B 12 12.85 13.71 28.45
CA PHE B 12 11.39 13.68 28.46
C PHE B 12 10.89 14.79 29.37
N LYS B 13 11.41 14.82 30.58
CA LYS B 13 10.98 15.82 31.56
C LYS B 13 11.29 17.27 31.16
N PHE B 14 12.36 17.47 30.41
CA PHE B 14 12.76 18.80 30.02
C PHE B 14 12.00 19.41 28.85
N TYR B 15 11.91 18.69 27.75
CA TYR B 15 11.24 19.22 26.58
C TYR B 15 9.78 19.59 26.69
N ILE B 16 9.01 18.89 27.52
CA ILE B 16 7.61 19.23 27.64
C ILE B 16 7.42 20.65 28.18
N GLN B 17 8.51 21.26 28.62
CA GLN B 17 8.46 22.61 29.13
C GLN B 17 8.35 23.59 27.97
N HIS B 18 9.10 23.34 26.90
CA HIS B 18 9.04 24.19 25.73
C HIS B 18 7.63 24.07 25.16
N GLY B 19 7.04 22.89 25.33
CA GLY B 19 5.68 22.67 24.84
C GLY B 19 4.68 23.50 25.60
N ALA B 20 4.82 23.55 26.92
CA ALA B 20 3.91 24.32 27.77
C ALA B 20 4.24 25.80 27.67
N ALA B 21 5.48 26.09 27.33
CA ALA B 21 5.95 27.45 27.18
C ALA B 21 5.47 27.98 25.83
N ALA B 22 4.83 27.12 25.06
CA ALA B 22 4.32 27.50 23.75
C ALA B 22 2.95 28.18 23.90
N TYR B 23 2.35 28.06 25.07
CA TYR B 23 1.04 28.64 25.32
C TYR B 23 1.05 30.12 25.66
N CYS B 24 2.23 30.67 25.96
CA CYS B 24 2.36 32.08 26.30
C CYS B 24 3.36 32.81 25.37
N ASN B 25 4.49 32.16 25.13
CA ASN B 25 5.52 32.74 24.28
C ASN B 25 5.22 32.67 22.78
N SER B 26 3.99 32.28 22.42
CA SER B 26 3.63 32.13 21.00
C SER B 26 3.28 33.44 20.29
N GLU B 27 3.79 34.54 20.81
CA GLU B 27 3.58 35.85 20.23
C GLU B 27 4.70 36.73 20.73
N ALA B 28 5.65 36.08 21.40
CA ALA B 28 6.82 36.73 21.98
C ALA B 28 7.61 37.58 20.98
N PRO B 29 8.08 38.76 21.42
CA PRO B 29 8.85 39.61 20.52
C PRO B 29 10.29 39.11 20.41
N ALA B 30 10.77 38.97 19.19
CA ALA B 30 12.12 38.48 18.92
C ALA B 30 13.08 39.02 19.97
N GLY B 31 13.97 38.17 20.46
CA GLY B 31 14.93 38.63 21.45
C GLY B 31 14.46 38.50 22.89
N ALA B 32 13.15 38.54 23.10
CA ALA B 32 12.61 38.42 24.43
C ALA B 32 13.15 37.15 25.09
N LYS B 33 12.80 36.93 26.34
CA LYS B 33 13.26 35.76 27.04
C LYS B 33 12.07 34.85 27.29
N VAL B 34 12.20 33.59 26.92
CA VAL B 34 11.11 32.65 27.14
C VAL B 34 10.74 32.73 28.60
N THR B 35 9.47 33.07 28.87
CA THR B 35 8.95 33.20 30.22
C THR B 35 7.81 32.22 30.44
N CYS B 36 7.76 31.63 31.63
CA CYS B 36 6.69 30.70 31.95
C CYS B 36 6.11 30.99 33.31
N SER B 37 4.93 31.59 33.33
CA SER B 37 4.29 31.89 34.59
C SER B 37 3.93 30.53 35.17
N GLY B 38 3.42 30.52 36.40
CA GLY B 38 3.04 29.26 37.03
C GLY B 38 4.09 28.16 36.97
N ASN B 39 5.34 28.51 37.21
CA ASN B 39 6.44 27.53 37.21
C ASN B 39 6.45 26.81 35.87
N GLY B 40 5.82 27.44 34.88
CA GLY B 40 5.72 26.86 33.55
C GLY B 40 6.92 26.08 33.06
N CYS B 41 8.06 26.74 32.93
CA CYS B 41 9.26 26.06 32.43
C CYS B 41 10.54 26.57 33.08
N PRO B 42 10.69 26.35 34.38
CA PRO B 42 11.88 26.79 35.10
C PRO B 42 13.20 26.41 34.40
N THR B 43 13.53 25.13 34.35
CA THR B 43 14.77 24.69 33.71
C THR B 43 15.03 25.39 32.37
N VAL B 44 13.96 25.87 31.72
CA VAL B 44 14.08 26.55 30.44
C VAL B 44 14.52 28.00 30.67
N GLN B 45 13.89 28.67 31.63
CA GLN B 45 14.24 30.05 31.92
C GLN B 45 15.66 30.13 32.43
N SER B 46 16.12 29.07 33.10
CA SER B 46 17.47 29.01 33.62
C SER B 46 18.51 29.20 32.52
N ASN B 47 18.36 28.44 31.45
CA ASN B 47 19.26 28.51 30.31
C ASN B 47 18.97 29.80 29.53
N GLY B 48 19.57 29.94 28.35
CA GLY B 48 19.32 31.13 27.54
C GLY B 48 17.98 31.07 26.83
N ALA B 49 16.91 31.34 27.57
CA ALA B 49 15.57 31.33 27.00
C ALA B 49 15.40 32.51 26.03
N THR B 50 15.99 32.43 24.84
CA THR B 50 15.89 33.54 23.88
C THR B 50 15.08 33.29 22.61
N ILE B 51 13.95 33.97 22.50
CA ILE B 51 13.07 33.84 21.34
C ILE B 51 13.72 34.35 20.06
N VAL B 52 13.93 33.47 19.09
CA VAL B 52 14.52 33.87 17.82
C VAL B 52 13.48 34.61 16.99
N ALA B 53 12.22 34.18 17.11
CA ALA B 53 11.09 34.77 16.38
C ALA B 53 9.80 34.07 16.80
N SER B 54 8.69 34.80 16.85
CA SER B 54 7.41 34.23 17.23
C SER B 54 6.40 34.29 16.07
N PHE B 55 5.51 33.30 15.97
CA PHE B 55 4.53 33.25 14.89
C PHE B 55 3.15 32.68 15.24
N THR B 56 2.12 33.16 14.54
CA THR B 56 0.72 32.73 14.73
C THR B 56 -0.02 32.56 13.39
N GLY B 57 -1.16 31.89 13.42
CA GLY B 57 -1.94 31.69 12.19
C GLY B 57 -3.43 31.95 12.37
N SER B 58 -3.87 33.12 11.93
CA SER B 58 -5.27 33.52 12.05
C SER B 58 -6.34 32.46 11.84
N LYS B 59 -6.48 32.00 10.60
CA LYS B 59 -7.50 31.02 10.24
C LYS B 59 -7.43 29.62 10.85
N THR B 60 -6.24 29.18 11.25
CA THR B 60 -6.10 27.83 11.79
C THR B 60 -6.00 27.72 13.32
N GLY B 61 -5.27 28.64 13.95
CA GLY B 61 -5.13 28.60 15.40
C GLY B 61 -3.74 28.27 15.94
N ILE B 62 -2.86 27.67 15.13
CA ILE B 62 -1.54 27.35 15.66
C ILE B 62 -0.76 28.58 16.02
N GLY B 63 0.13 28.39 16.97
CA GLY B 63 1.01 29.43 17.43
C GLY B 63 2.26 28.66 17.77
N GLY B 64 3.40 29.32 17.70
CA GLY B 64 4.62 28.62 18.02
C GLY B 64 5.74 29.62 18.12
N TYR B 65 6.98 29.13 18.09
CA TYR B 65 8.12 30.00 18.17
C TYR B 65 9.40 29.22 18.04
N VAL B 66 10.47 29.92 17.67
CA VAL B 66 11.77 29.32 17.50
C VAL B 66 12.72 29.92 18.55
N ALA B 67 13.02 29.13 19.59
CA ALA B 67 13.91 29.57 20.65
C ALA B 67 15.30 28.92 20.60
N THR B 68 16.32 29.74 20.83
CA THR B 68 17.70 29.25 20.84
C THR B 68 18.17 29.17 22.29
N ASP B 69 18.86 28.09 22.63
CA ASP B 69 19.36 27.88 23.99
C ASP B 69 20.87 27.70 24.07
N PRO B 70 21.60 28.72 24.56
CA PRO B 70 23.05 28.68 24.69
C PRO B 70 23.56 27.65 25.70
N THR B 71 22.71 27.26 26.65
CA THR B 71 23.10 26.28 27.66
C THR B 71 23.26 24.90 27.01
N ARG B 72 22.15 24.36 26.49
CA ARG B 72 22.15 23.04 25.86
C ARG B 72 22.62 23.05 24.40
N LYS B 73 23.10 24.19 23.93
CA LYS B 73 23.59 24.35 22.56
C LYS B 73 22.68 23.68 21.54
N GLU B 74 21.46 24.19 21.46
CA GLU B 74 20.45 23.68 20.55
C GLU B 74 19.55 24.81 20.10
N ILE B 75 18.61 24.47 19.23
CA ILE B 75 17.63 25.42 18.74
C ILE B 75 16.33 24.63 18.95
N VAL B 76 15.27 25.31 19.37
CA VAL B 76 14.01 24.65 19.64
C VAL B 76 12.84 25.26 18.86
N VAL B 77 11.98 24.43 18.28
CA VAL B 77 10.82 24.92 17.50
C VAL B 77 9.56 24.41 18.17
N SER B 78 9.00 25.19 19.09
CA SER B 78 7.81 24.78 19.84
C SER B 78 6.42 25.16 19.27
N PHE B 79 5.52 24.19 19.19
CA PHE B 79 4.18 24.50 18.69
C PHE B 79 3.17 24.33 19.83
N ARG B 80 2.18 25.21 19.92
CA ARG B 80 1.23 25.12 21.02
C ARG B 80 0.05 24.18 20.83
N GLY B 81 -0.59 23.86 21.95
CA GLY B 81 -1.72 22.95 21.94
C GLY B 81 -3.03 23.62 21.59
N SER B 82 -4.11 23.13 22.18
CA SER B 82 -5.43 23.66 21.92
C SER B 82 -6.02 24.45 23.07
N ILE B 83 -6.92 25.35 22.70
CA ILE B 83 -7.61 26.22 23.63
C ILE B 83 -8.94 25.53 23.94
N ASN B 84 -8.88 24.51 24.79
CA ASN B 84 -10.02 23.67 25.20
C ASN B 84 -9.96 22.42 24.32
N ILE B 85 -9.17 21.46 24.76
CA ILE B 85 -8.97 20.24 24.01
C ILE B 85 -10.23 19.38 23.85
N ARG B 86 -11.00 19.18 24.92
CA ARG B 86 -12.20 18.35 24.80
C ARG B 86 -13.12 18.86 23.70
N ASN B 87 -13.23 20.18 23.56
CA ASN B 87 -14.06 20.71 22.49
C ASN B 87 -13.60 20.00 21.22
N TRP B 88 -12.29 20.08 20.93
CA TRP B 88 -11.71 19.44 19.75
C TRP B 88 -12.16 17.99 19.65
N LEU B 89 -12.32 17.34 20.80
CA LEU B 89 -12.75 15.96 20.81
C LEU B 89 -14.18 15.82 20.31
N THR B 90 -15.11 16.54 20.95
CA THR B 90 -16.52 16.47 20.57
C THR B 90 -16.75 16.75 19.09
N ASN B 91 -15.73 17.32 18.45
CA ASN B 91 -15.83 17.65 17.04
C ASN B 91 -15.44 16.48 16.14
N LEU B 92 -14.69 15.54 16.70
CA LEU B 92 -14.27 14.37 15.96
C LEU B 92 -13.65 14.79 14.63
N ASP B 93 -12.63 15.63 14.75
CA ASP B 93 -11.89 16.14 13.60
C ASP B 93 -10.95 15.03 13.12
N PHE B 94 -11.34 14.30 12.08
CA PHE B 94 -10.55 13.17 11.56
C PHE B 94 -10.23 13.17 10.05
N ASP B 95 -10.76 14.11 9.28
CA ASP B 95 -10.50 14.11 7.86
C ASP B 95 -9.02 14.14 7.56
N GLN B 96 -8.66 13.82 6.32
CA GLN B 96 -7.26 13.83 5.92
C GLN B 96 -7.06 14.17 4.44
N ASP B 97 -5.97 14.87 4.14
CA ASP B 97 -5.65 15.23 2.77
C ASP B 97 -4.45 14.38 2.34
N ASP B 98 -3.79 14.81 1.28
CA ASP B 98 -2.63 14.11 0.78
C ASP B 98 -1.42 15.01 0.94
N CYS B 99 -0.33 14.42 1.41
CA CYS B 99 0.92 15.15 1.56
C CYS B 99 1.79 14.62 0.44
N SER B 100 3.05 15.00 0.42
CA SER B 100 3.95 14.54 -0.60
C SER B 100 5.35 14.29 -0.05
N LEU B 101 5.41 13.61 1.09
CA LEU B 101 6.69 13.29 1.73
C LEU B 101 7.08 11.84 1.43
N THR B 102 6.12 11.06 0.96
CA THR B 102 6.34 9.65 0.64
C THR B 102 5.25 9.23 -0.32
N SER B 103 5.46 8.08 -0.96
CA SER B 103 4.46 7.56 -1.86
C SER B 103 3.22 7.27 -1.04
N GLY B 104 2.08 7.76 -1.49
CA GLY B 104 0.85 7.49 -0.79
C GLY B 104 0.70 8.14 0.57
N CYS B 105 1.33 9.28 0.76
CA CYS B 105 1.26 10.01 2.04
C CYS B 105 -0.16 10.51 2.32
N GLY B 106 -0.63 10.31 3.55
CA GLY B 106 -1.95 10.76 3.95
C GLY B 106 -1.82 11.43 5.29
N VAL B 107 -2.34 12.64 5.41
CA VAL B 107 -2.22 13.37 6.67
C VAL B 107 -3.51 14.02 7.13
N HIS B 108 -3.57 14.32 8.42
CA HIS B 108 -4.72 14.97 9.02
C HIS B 108 -4.81 16.37 8.44
N SER B 109 -5.85 16.62 7.63
CA SER B 109 -6.05 17.93 6.98
C SER B 109 -5.61 19.12 7.82
N GLY B 110 -6.27 19.28 8.97
CA GLY B 110 -6.01 20.37 9.88
C GLY B 110 -4.58 20.53 10.38
N PHE B 111 -4.00 19.49 10.94
CA PHE B 111 -2.63 19.59 11.41
C PHE B 111 -1.74 20.07 10.27
N GLN B 112 -1.92 19.52 9.07
CA GLN B 112 -1.12 19.96 7.95
C GLN B 112 -1.46 21.42 7.65
N ASN B 113 -2.75 21.73 7.55
CA ASN B 113 -3.19 23.08 7.26
C ASN B 113 -2.59 24.09 8.26
N ALA B 114 -2.39 23.66 9.50
CA ALA B 114 -1.79 24.53 10.51
C ALA B 114 -0.32 24.73 10.17
N TRP B 115 0.40 23.63 9.92
CA TRP B 115 1.81 23.71 9.58
C TRP B 115 2.01 24.55 8.35
N ASN B 116 1.03 24.54 7.47
CA ASN B 116 1.13 25.34 6.24
C ASN B 116 1.00 26.83 6.52
N GLU B 117 0.10 27.20 7.43
CA GLU B 117 -0.11 28.62 7.71
C GLU B 117 1.10 29.32 8.32
N ILE B 118 1.91 28.61 9.12
CA ILE B 118 3.07 29.26 9.71
C ILE B 118 4.41 28.63 9.38
N SER B 119 4.46 27.86 8.31
CA SER B 119 5.69 27.18 7.89
C SER B 119 6.82 28.13 7.47
N ALA B 120 6.50 29.12 6.67
CA ALA B 120 7.53 30.05 6.21
C ALA B 120 8.13 30.73 7.43
N ALA B 121 7.28 31.36 8.22
CA ALA B 121 7.70 32.04 9.44
C ALA B 121 8.60 31.11 10.25
N ALA B 122 8.09 29.92 10.54
CA ALA B 122 8.85 28.94 11.30
C ALA B 122 10.15 28.55 10.59
N THR B 123 10.09 28.36 9.28
CA THR B 123 11.28 27.95 8.52
C THR B 123 12.36 29.02 8.42
N ALA B 124 11.95 30.29 8.35
CA ALA B 124 12.91 31.37 8.27
C ALA B 124 13.62 31.54 9.60
N ALA B 125 12.89 31.35 10.69
CA ALA B 125 13.43 31.51 12.03
C ALA B 125 14.41 30.40 12.38
N VAL B 126 14.07 29.17 12.00
CA VAL B 126 14.93 28.05 12.29
C VAL B 126 16.22 28.23 11.50
N ALA B 127 16.07 28.60 10.22
CA ALA B 127 17.20 28.80 9.32
C ALA B 127 18.14 29.90 9.79
N LYS B 128 17.57 30.96 10.37
CA LYS B 128 18.34 32.08 10.88
C LYS B 128 19.02 31.64 12.17
N ALA B 129 18.21 31.12 13.09
CA ALA B 129 18.72 30.63 14.36
C ALA B 129 19.84 29.66 14.08
N ARG B 130 19.77 29.05 12.90
CA ARG B 130 20.76 28.08 12.46
C ARG B 130 22.00 28.75 11.88
N LYS B 131 21.85 29.41 10.74
CA LYS B 131 23.00 30.08 10.13
C LYS B 131 23.80 30.84 11.19
N ALA B 132 23.12 31.29 12.24
CA ALA B 132 23.75 32.05 13.32
C ALA B 132 24.27 31.20 14.49
N ASN B 133 24.13 29.89 14.38
CA ASN B 133 24.59 28.95 15.41
C ASN B 133 24.68 27.58 14.71
N PRO B 134 25.45 27.52 13.60
CA PRO B 134 25.68 26.33 12.77
C PRO B 134 26.24 25.09 13.44
N SER B 135 25.93 24.90 14.72
CA SER B 135 26.40 23.74 15.46
C SER B 135 25.28 23.26 16.36
N PHE B 136 24.46 24.19 16.83
CA PHE B 136 23.32 23.87 17.70
C PHE B 136 22.40 22.88 16.97
N LYS B 137 22.04 21.80 17.64
CA LYS B 137 21.14 20.79 17.05
C LYS B 137 19.69 21.26 17.15
N VAL B 138 18.84 20.77 16.25
CA VAL B 138 17.43 21.15 16.22
C VAL B 138 16.49 20.18 16.91
N VAL B 139 15.52 20.73 17.63
CA VAL B 139 14.54 19.93 18.35
C VAL B 139 13.13 20.46 18.14
N SER B 140 12.29 19.70 17.42
CA SER B 140 10.90 20.10 17.19
C SER B 140 10.12 19.61 18.40
N VAL B 141 9.25 20.44 18.95
CA VAL B 141 8.52 20.01 20.13
C VAL B 141 7.06 20.41 20.13
N GLY B 142 6.22 19.60 20.78
CA GLY B 142 4.81 19.93 20.82
C GLY B 142 3.96 19.12 21.79
N HIS B 143 3.14 19.80 22.58
CA HIS B 143 2.24 19.09 23.47
C HIS B 143 0.91 19.01 22.75
N SER B 144 0.06 18.07 23.16
CA SER B 144 -1.26 17.89 22.55
C SER B 144 -1.26 18.13 21.03
N LEU B 145 -2.30 18.75 20.53
CA LEU B 145 -2.39 19.01 19.10
C LEU B 145 -1.09 19.56 18.54
N GLY B 146 -0.30 20.20 19.40
CA GLY B 146 0.96 20.76 18.96
C GLY B 146 1.93 19.72 18.42
N GLY B 147 2.13 18.65 19.18
CA GLY B 147 3.00 17.59 18.72
C GLY B 147 2.61 17.14 17.33
N ALA B 148 1.33 17.28 17.01
CA ALA B 148 0.85 16.89 15.68
C ALA B 148 1.55 17.78 14.68
N VAL B 149 1.42 19.08 14.90
CA VAL B 149 2.03 20.07 14.04
C VAL B 149 3.53 19.90 14.13
N ALA B 150 4.02 19.61 15.33
CA ALA B 150 5.44 19.43 15.58
C ALA B 150 5.96 18.27 14.75
N THR B 151 5.26 17.14 14.77
CA THR B 151 5.71 15.99 14.00
C THR B 151 5.65 16.32 12.51
N LEU B 152 4.72 17.19 12.11
CA LEU B 152 4.62 17.58 10.71
C LEU B 152 5.83 18.45 10.38
N ALA B 153 6.08 19.42 11.25
CA ALA B 153 7.19 20.35 11.12
C ALA B 153 8.51 19.59 11.06
N GLY B 154 8.90 19.01 12.18
CA GLY B 154 10.14 18.25 12.25
C GLY B 154 10.45 17.50 10.96
N ALA B 155 9.48 16.77 10.45
CA ALA B 155 9.69 16.01 9.23
C ALA B 155 10.02 16.92 8.04
N ASN B 156 9.25 17.97 7.85
CA ASN B 156 9.50 18.87 6.73
C ASN B 156 10.86 19.55 6.80
N LEU B 157 11.37 19.73 8.01
CA LEU B 157 12.66 20.37 8.19
C LEU B 157 13.81 19.46 7.73
N ARG B 158 13.73 18.18 8.08
CA ARG B 158 14.76 17.26 7.65
C ARG B 158 14.80 17.31 6.12
N ILE B 159 13.63 17.11 5.51
CA ILE B 159 13.48 17.14 4.06
C ILE B 159 14.14 18.39 3.49
N GLY B 160 14.03 19.48 4.25
CA GLY B 160 14.63 20.73 3.85
C GLY B 160 16.14 20.67 3.84
N GLY B 161 16.70 19.88 4.75
CA GLY B 161 18.14 19.72 4.82
C GLY B 161 18.68 19.89 6.22
N THR B 162 17.80 20.22 7.16
CA THR B 162 18.22 20.40 8.53
C THR B 162 17.66 19.34 9.47
N PRO B 163 18.47 18.32 9.79
CA PRO B 163 18.14 17.19 10.66
C PRO B 163 17.86 17.57 12.12
N LEU B 164 16.95 16.82 12.76
CA LEU B 164 16.56 17.08 14.15
C LEU B 164 15.94 15.87 14.83
N ASP B 165 15.44 16.08 16.04
CA ASP B 165 14.76 15.05 16.83
C ASP B 165 13.36 15.58 17.11
N ILE B 166 12.47 14.77 17.69
CA ILE B 166 11.12 15.24 17.94
C ILE B 166 10.50 14.74 19.23
N TYR B 167 10.19 15.67 20.13
CA TYR B 167 9.56 15.28 21.38
C TYR B 167 8.13 15.80 21.41
N THR B 168 7.17 14.90 21.47
CA THR B 168 5.76 15.27 21.53
C THR B 168 5.18 14.58 22.75
N TYR B 169 4.20 15.20 23.37
CA TYR B 169 3.57 14.60 24.54
C TYR B 169 2.07 14.68 24.32
N GLY B 170 1.39 13.54 24.33
CA GLY B 170 -0.05 13.55 24.13
C GLY B 170 -0.37 13.81 22.67
N SER B 171 0.55 13.44 21.80
CA SER B 171 0.31 13.65 20.38
C SER B 171 -0.84 12.80 19.85
N PRO B 172 -1.52 13.31 18.82
CA PRO B 172 -2.62 12.52 18.26
C PRO B 172 -1.94 11.91 17.03
N ARG B 173 -2.44 10.81 16.49
CA ARG B 173 -1.80 10.24 15.29
C ARG B 173 -1.83 11.37 14.26
N VAL B 174 -0.77 11.51 13.47
CA VAL B 174 -0.73 12.63 12.52
C VAL B 174 -1.01 12.32 11.05
N GLY B 175 -1.06 11.05 10.70
CA GLY B 175 -1.34 10.69 9.32
C GLY B 175 -1.52 9.20 9.13
N ASN B 176 -1.50 8.77 7.88
CA ASN B 176 -1.69 7.36 7.58
C ASN B 176 -0.37 6.59 7.63
N THR B 177 -0.48 5.29 7.35
CA THR B 177 0.65 4.40 7.34
C THR B 177 1.94 4.97 6.77
N GLN B 178 1.92 5.29 5.48
CA GLN B 178 3.12 5.79 4.81
C GLN B 178 3.67 7.05 5.45
N LEU B 179 2.85 7.76 6.21
CA LEU B 179 3.34 8.97 6.87
C LEU B 179 4.07 8.58 8.15
N ALA B 180 3.34 7.95 9.06
CA ALA B 180 3.90 7.51 10.33
C ALA B 180 5.17 6.71 10.05
N ALA B 181 5.14 5.88 9.01
CA ALA B 181 6.29 5.06 8.66
C ALA B 181 7.44 5.83 8.05
N PHE B 182 7.19 7.06 7.59
CA PHE B 182 8.25 7.87 6.99
C PHE B 182 9.00 8.65 8.06
N VAL B 183 8.28 9.43 8.85
CA VAL B 183 8.88 10.22 9.91
C VAL B 183 9.71 9.28 10.78
N SER B 184 9.28 8.02 10.85
CA SER B 184 9.96 7.01 11.67
C SER B 184 11.31 6.55 11.12
N ASN B 185 11.37 6.23 9.83
CA ASN B 185 12.63 5.80 9.22
C ASN B 185 13.46 7.04 8.91
N GLN B 186 12.93 8.20 9.21
CA GLN B 186 13.64 9.44 8.93
C GLN B 186 14.75 9.65 9.96
N ALA B 187 15.94 10.00 9.47
CA ALA B 187 17.10 10.25 10.32
C ALA B 187 16.66 10.98 11.59
N GLY B 188 17.18 10.57 12.74
CA GLY B 188 16.81 11.20 13.99
C GLY B 188 15.65 10.49 14.68
N GLY B 189 15.45 10.79 15.96
CA GLY B 189 14.37 10.16 16.71
C GLY B 189 13.02 10.86 16.78
N GLU B 190 12.00 10.09 17.16
CA GLU B 190 10.64 10.58 17.31
C GLU B 190 10.14 10.11 18.66
N PHE B 191 10.59 10.76 19.73
CA PHE B 191 10.21 10.37 21.10
C PHE B 191 8.82 10.86 21.48
N ARG B 192 7.79 10.12 21.09
CA ARG B 192 6.44 10.56 21.45
C ARG B 192 6.02 9.99 22.79
N VAL B 193 5.88 10.88 23.79
CA VAL B 193 5.48 10.46 25.12
C VAL B 193 3.96 10.53 25.29
N THR B 194 3.37 9.45 25.84
CA THR B 194 1.94 9.35 26.09
C THR B 194 1.74 9.02 27.58
N ASN B 195 0.66 9.48 28.18
CA ASN B 195 0.42 9.22 29.60
C ASN B 195 -0.86 8.48 30.00
N ALA B 196 -0.66 7.38 30.72
CA ALA B 196 -1.76 6.55 31.21
C ALA B 196 -2.85 6.40 30.17
N LYS B 197 -4.04 6.89 30.49
CA LYS B 197 -5.17 6.77 29.60
C LYS B 197 -5.53 8.01 28.82
N ASP B 198 -4.55 8.86 28.54
CA ASP B 198 -4.86 10.07 27.78
C ASP B 198 -5.67 9.66 26.56
N PRO B 199 -6.83 10.29 26.37
CA PRO B 199 -7.72 9.99 25.25
C PRO B 199 -7.36 10.65 23.91
N VAL B 200 -6.39 11.56 23.94
CA VAL B 200 -5.98 12.23 22.72
C VAL B 200 -5.00 11.40 21.84
N PRO B 201 -4.00 10.77 22.47
CA PRO B 201 -3.03 9.96 21.71
C PRO B 201 -3.66 8.86 20.86
N ARG B 202 -4.94 8.60 21.07
CA ARG B 202 -5.58 7.57 20.27
C ARG B 202 -6.53 8.10 19.21
N LEU B 203 -6.26 9.30 18.73
CA LEU B 203 -7.09 9.94 17.71
C LEU B 203 -6.29 10.67 16.62
N PRO B 204 -6.73 10.58 15.36
CA PRO B 204 -7.89 9.85 14.82
C PRO B 204 -7.75 8.34 15.02
N PRO B 205 -8.88 7.62 14.97
CA PRO B 205 -8.85 6.17 15.15
C PRO B 205 -8.01 5.37 14.13
N LEU B 206 -7.61 4.18 14.56
CA LEU B 206 -6.83 3.28 13.75
C LEU B 206 -7.67 2.82 12.53
N ILE B 207 -8.98 2.65 12.72
CA ILE B 207 -9.83 2.20 11.62
C ILE B 207 -10.05 3.24 10.54
N PHE B 208 -9.32 4.36 10.63
CA PHE B 208 -9.47 5.40 9.63
C PHE B 208 -8.19 5.67 8.89
N GLY B 209 -7.23 4.77 9.05
CA GLY B 209 -5.96 4.88 8.35
C GLY B 209 -4.83 5.54 9.11
N TYR B 210 -5.13 6.05 10.29
CA TYR B 210 -4.13 6.73 11.09
C TYR B 210 -3.24 5.77 11.86
N ARG B 211 -1.93 5.99 11.70
CA ARG B 211 -0.90 5.20 12.37
C ARG B 211 -0.12 6.15 13.25
N HIS B 212 0.68 5.60 14.14
CA HIS B 212 1.51 6.41 15.03
C HIS B 212 2.99 6.29 14.63
N THR B 213 3.87 6.98 15.35
CA THR B 213 5.29 6.94 15.07
C THR B 213 5.89 5.98 16.09
N SER B 214 6.78 5.09 15.65
CA SER B 214 7.41 4.14 16.55
C SER B 214 8.79 4.64 16.94
N PRO B 215 9.14 4.57 18.23
CA PRO B 215 8.36 4.04 19.35
C PRO B 215 7.45 5.02 20.10
N GLU B 216 6.70 4.43 21.03
CA GLU B 216 5.81 5.12 21.93
C GLU B 216 6.35 4.90 23.35
N TYR B 217 6.84 5.94 24.01
CA TYR B 217 7.31 5.79 25.39
C TYR B 217 6.05 6.09 26.20
N TRP B 218 5.47 5.06 26.80
CA TRP B 218 4.23 5.25 27.55
C TRP B 218 4.42 5.32 29.07
N LEU B 219 4.00 6.44 29.66
CA LEU B 219 4.09 6.59 31.10
C LEU B 219 2.95 5.74 31.68
N SER B 220 3.28 4.61 32.29
CA SER B 220 2.22 3.76 32.85
C SER B 220 2.01 4.04 34.34
N GLY B 221 0.85 4.60 34.67
CA GLY B 221 0.54 4.91 36.05
C GLY B 221 -0.93 5.25 36.24
N SER B 222 -1.26 5.99 37.28
CA SER B 222 -2.65 6.35 37.56
C SER B 222 -3.07 7.60 36.79
N GLY B 223 -2.13 8.21 36.09
CA GLY B 223 -2.52 9.36 35.35
C GLY B 223 -3.05 10.53 36.15
N GLY B 224 -4.30 10.93 35.80
CA GLY B 224 -4.95 11.99 36.57
C GLY B 224 -4.08 13.24 36.66
N ASP B 225 -3.62 13.53 37.88
CA ASP B 225 -2.76 14.69 38.15
C ASP B 225 -1.37 14.19 38.41
N LYS B 226 -1.09 12.98 37.97
CA LYS B 226 0.20 12.39 38.20
C LYS B 226 1.39 13.16 37.68
N ILE B 227 2.38 13.24 38.55
CA ILE B 227 3.66 13.87 38.29
C ILE B 227 4.53 12.72 38.78
N ASP B 228 5.58 13.02 39.55
CA ASP B 228 6.46 11.98 40.09
C ASP B 228 6.69 10.72 39.24
N TYR B 229 6.41 10.78 37.94
CA TYR B 229 6.67 9.61 37.07
C TYR B 229 8.18 9.53 36.99
N THR B 230 8.73 8.32 37.21
CA THR B 230 10.18 8.14 37.14
C THR B 230 10.50 7.09 36.10
N ILE B 231 11.72 7.17 35.60
CA ILE B 231 12.21 6.26 34.57
C ILE B 231 11.56 4.88 34.56
N ASN B 232 11.30 4.33 35.73
CA ASN B 232 10.70 2.99 35.81
C ASN B 232 9.20 2.88 35.55
N ASP B 233 8.59 3.99 35.15
CA ASP B 233 7.17 4.01 34.85
C ASP B 233 6.98 4.16 33.34
N VAL B 234 8.09 4.06 32.61
CA VAL B 234 8.12 4.20 31.16
C VAL B 234 8.16 2.90 30.38
N LYS B 235 7.01 2.40 29.95
CA LYS B 235 6.98 1.18 29.14
C LYS B 235 7.06 1.56 27.68
N VAL B 236 7.96 0.92 26.95
CA VAL B 236 8.14 1.19 25.54
C VAL B 236 7.31 0.24 24.67
N CYS B 237 6.70 0.77 23.62
CA CYS B 237 5.87 -0.02 22.70
C CYS B 237 6.22 0.48 21.30
N GLU B 238 6.45 -0.44 20.38
CA GLU B 238 6.83 -0.04 19.03
C GLU B 238 5.76 -0.43 18.02
N GLY B 239 5.88 0.05 16.79
CA GLY B 239 4.89 -0.30 15.77
C GLY B 239 3.83 0.76 15.56
N ALA B 240 3.40 0.93 14.31
CA ALA B 240 2.40 1.94 13.98
C ALA B 240 0.96 1.64 14.42
N ALA B 241 0.67 0.38 14.70
CA ALA B 241 -0.67 -0.04 15.14
C ALA B 241 -0.55 -0.88 16.40
N ASN B 242 0.13 -0.32 17.41
CA ASN B 242 0.33 -1.01 18.68
C ASN B 242 -0.70 -0.52 19.68
N LEU B 243 -1.48 -1.42 20.27
CA LEU B 243 -2.50 -0.99 21.21
C LEU B 243 -2.25 -1.51 22.62
N GLN B 244 -1.04 -1.99 22.83
CA GLN B 244 -0.62 -2.54 24.11
C GLN B 244 -0.34 -1.50 25.21
N CYS B 245 -0.29 -0.22 24.86
CA CYS B 245 0.01 0.79 25.84
C CYS B 245 -1.07 1.86 25.91
N ASN B 246 -0.84 3.04 25.36
CA ASN B 246 -1.90 4.04 25.42
C ASN B 246 -3.04 3.60 24.51
N GLY B 247 -2.91 3.86 23.21
CA GLY B 247 -3.95 3.45 22.28
C GLY B 247 -4.38 2.06 22.70
N GLY B 248 -5.62 1.92 23.15
CA GLY B 248 -6.07 0.63 23.60
C GLY B 248 -6.66 0.76 24.99
N THR B 249 -6.54 1.94 25.57
CA THR B 249 -7.10 2.17 26.89
C THR B 249 -8.50 2.73 26.66
N LEU B 250 -9.24 2.92 27.74
CA LEU B 250 -10.59 3.45 27.61
C LEU B 250 -10.85 4.66 28.50
N GLY B 251 -12.10 5.09 28.55
CA GLY B 251 -12.46 6.24 29.38
C GLY B 251 -11.89 7.57 28.93
N LEU B 252 -12.59 8.64 29.29
CA LEU B 252 -12.18 10.00 28.96
C LEU B 252 -11.47 10.59 30.17
N ASP B 253 -10.19 10.88 30.00
CA ASP B 253 -9.35 11.41 31.09
C ASP B 253 -8.59 12.68 30.70
N ILE B 254 -9.33 13.74 30.38
CA ILE B 254 -8.72 15.00 29.97
C ILE B 254 -7.56 15.44 30.88
N ASP B 255 -7.65 15.10 32.16
CA ASP B 255 -6.62 15.49 33.11
C ASP B 255 -5.27 14.86 32.79
N ALA B 256 -5.25 13.55 32.63
CA ALA B 256 -4.02 12.86 32.31
C ALA B 256 -3.40 13.54 31.10
N HIS B 257 -4.25 14.13 30.28
CA HIS B 257 -3.77 14.81 29.09
C HIS B 257 -2.90 16.00 29.42
N LEU B 258 -3.47 16.95 30.16
CA LEU B 258 -2.74 18.15 30.54
C LEU B 258 -1.79 17.83 31.68
N HIS B 259 -1.27 16.60 31.71
CA HIS B 259 -0.34 16.20 32.76
C HIS B 259 0.78 15.28 32.33
N TYR B 260 1.82 15.88 31.79
CA TYR B 260 3.00 15.13 31.43
C TYR B 260 4.18 15.53 32.27
N PHE B 261 4.36 14.83 33.37
CA PHE B 261 5.38 15.18 34.31
C PHE B 261 5.00 16.44 34.97
N GLN B 262 4.61 17.43 34.20
CA GLN B 262 4.22 18.68 34.82
C GLN B 262 2.87 19.16 34.29
N ALA B 263 2.51 20.38 34.67
CA ALA B 263 1.25 20.96 34.23
C ALA B 263 1.43 21.48 32.82
N THR B 264 0.42 21.28 31.99
CA THR B 264 0.45 21.74 30.61
C THR B 264 -0.02 23.17 30.55
N ASP B 265 -1.22 23.40 31.08
CA ASP B 265 -1.83 24.72 31.08
C ASP B 265 -1.37 25.67 32.18
N ALA B 266 -0.11 25.56 32.58
CA ALA B 266 0.41 26.43 33.61
C ALA B 266 0.50 27.86 33.08
N CYS B 267 1.03 27.98 31.87
CA CYS B 267 1.20 29.28 31.22
C CYS B 267 -0.06 29.87 30.60
N SER B 268 -1.20 29.23 30.83
CA SER B 268 -2.46 29.69 30.26
C SER B 268 -2.50 29.56 28.75
N THR B 290 -21.23 20.52 23.18
CA THR B 290 -22.20 19.89 22.30
C THR B 290 -22.48 18.45 22.75
N MET B 291 -21.59 17.90 23.57
CA MET B 291 -21.70 16.54 24.09
C MET B 291 -21.45 16.52 25.60
N THR B 292 -22.00 15.52 26.27
CA THR B 292 -21.83 15.37 27.70
C THR B 292 -20.71 14.36 27.93
N ASP B 293 -19.97 14.52 29.01
CA ASP B 293 -18.89 13.61 29.34
C ASP B 293 -19.32 12.16 29.17
N ALA B 294 -20.55 11.86 29.59
CA ALA B 294 -21.10 10.51 29.49
C ALA B 294 -21.15 10.11 28.02
N GLU B 295 -21.27 11.11 27.15
CA GLU B 295 -21.35 10.90 25.72
C GLU B 295 -19.98 10.91 25.03
N LEU B 296 -19.23 11.99 25.17
CA LEU B 296 -17.92 12.03 24.54
C LEU B 296 -17.17 10.75 24.81
N GLU B 297 -17.28 10.25 26.04
CA GLU B 297 -16.61 9.03 26.46
C GLU B 297 -17.15 7.81 25.70
N LYS B 298 -18.46 7.61 25.75
CA LYS B 298 -19.05 6.48 25.07
C LYS B 298 -18.73 6.49 23.58
N LYS B 299 -18.21 7.60 23.07
CA LYS B 299 -17.88 7.66 21.65
C LYS B 299 -16.44 7.29 21.39
N LEU B 300 -15.52 7.90 22.11
CA LEU B 300 -14.11 7.59 21.93
C LEU B 300 -13.94 6.13 22.34
N ASN B 301 -14.76 5.70 23.30
CA ASN B 301 -14.73 4.33 23.80
C ASN B 301 -15.00 3.34 22.66
N SER B 302 -16.07 3.55 21.91
CA SER B 302 -16.40 2.66 20.82
C SER B 302 -15.28 2.64 19.80
N TYR B 303 -14.63 3.79 19.58
CA TYR B 303 -13.51 3.85 18.64
C TYR B 303 -12.36 2.95 19.05
N VAL B 304 -12.13 2.80 20.34
CA VAL B 304 -11.03 1.94 20.76
C VAL B 304 -11.50 0.51 20.54
N GLU B 305 -12.75 0.26 20.91
CA GLU B 305 -13.33 -1.06 20.76
C GLU B 305 -13.36 -1.48 19.29
N MET B 306 -13.25 -0.52 18.38
CA MET B 306 -13.23 -0.83 16.96
C MET B 306 -11.79 -1.02 16.51
N ASP B 307 -10.89 -0.18 17.01
CA ASP B 307 -9.47 -0.27 16.67
C ASP B 307 -8.91 -1.63 17.13
N LYS B 308 -9.31 -2.06 18.32
CA LYS B 308 -8.84 -3.34 18.83
C LYS B 308 -9.38 -4.47 17.95
N GLU B 309 -10.66 -4.41 17.60
CA GLU B 309 -11.23 -5.45 16.73
C GLU B 309 -10.44 -5.46 15.42
N TYR B 310 -10.08 -4.29 14.90
CA TYR B 310 -9.29 -4.19 13.66
C TYR B 310 -7.99 -5.00 13.84
N ILE B 311 -7.23 -4.65 14.87
CA ILE B 311 -5.99 -5.34 15.18
C ILE B 311 -6.25 -6.85 15.19
N LYS B 312 -7.07 -7.27 16.14
CA LYS B 312 -7.44 -8.69 16.30
C LYS B 312 -7.81 -9.36 14.98
N THR B 313 -8.14 -8.56 13.98
CA THR B 313 -8.53 -9.10 12.68
C THR B 313 -7.33 -9.44 11.82
N HIS B 314 -6.30 -8.61 11.90
CA HIS B 314 -5.12 -8.84 11.08
C HIS B 314 -4.01 -9.56 11.82
N ALA B 315 -4.29 -9.95 13.06
CA ALA B 315 -3.31 -10.64 13.89
C ALA B 315 -2.51 -11.60 13.03
N SER B 316 -3.22 -12.28 12.14
CA SER B 316 -2.63 -13.27 11.25
C SER B 316 -2.12 -12.70 9.91
N ARG B 317 -1.74 -11.44 9.88
CA ARG B 317 -1.27 -10.87 8.63
C ARG B 317 0.21 -10.55 8.61
N SER B 318 0.51 -9.27 8.43
CA SER B 318 1.89 -8.77 8.35
C SER B 318 2.61 -9.51 7.24
N ALA C 1 20.40 52.63 -13.25
CA ALA C 1 19.05 52.00 -13.34
C ALA C 1 19.19 50.49 -13.48
N VAL C 2 18.48 49.93 -14.45
CA VAL C 2 18.52 48.49 -14.71
C VAL C 2 18.40 48.24 -16.21
N SER C 3 18.93 47.10 -16.65
CA SER C 3 18.90 46.75 -18.07
C SER C 3 19.01 45.25 -18.29
N VAL C 4 19.04 44.85 -19.55
CA VAL C 4 19.19 43.44 -19.93
C VAL C 4 20.62 43.28 -20.44
N SER C 5 21.24 42.13 -20.19
CA SER C 5 22.62 41.92 -20.64
C SER C 5 22.75 40.78 -21.65
N THR C 6 23.87 40.77 -22.37
CA THR C 6 24.12 39.76 -23.38
C THR C 6 24.05 38.35 -22.83
N THR C 7 24.47 38.18 -21.58
CA THR C 7 24.41 36.87 -20.94
C THR C 7 22.98 36.68 -20.45
N ASP C 8 22.38 37.78 -19.99
CA ASP C 8 21.02 37.78 -19.49
C ASP C 8 20.07 37.20 -20.55
N PHE C 9 20.10 37.79 -21.73
CA PHE C 9 19.25 37.35 -22.82
C PHE C 9 19.50 35.88 -23.13
N GLY C 10 20.76 35.48 -23.14
CA GLY C 10 21.09 34.09 -23.42
C GLY C 10 20.27 33.18 -22.53
N ASN C 11 20.28 33.48 -21.23
CA ASN C 11 19.55 32.70 -20.23
C ASN C 11 18.05 32.74 -20.43
N PHE C 12 17.51 33.91 -20.76
CA PHE C 12 16.07 34.03 -20.96
C PHE C 12 15.61 32.99 -21.97
N LYS C 13 16.47 32.68 -22.93
CA LYS C 13 16.13 31.69 -23.95
C LYS C 13 16.45 30.24 -23.52
N PHE C 14 17.48 30.06 -22.70
CA PHE C 14 17.79 28.72 -22.25
C PHE C 14 16.70 28.19 -21.31
N TYR C 15 16.40 28.92 -20.23
CA TYR C 15 15.40 28.50 -19.24
C TYR C 15 13.96 28.32 -19.75
N ILE C 16 13.54 29.14 -20.70
CA ILE C 16 12.19 28.99 -21.22
C ILE C 16 12.04 27.53 -21.65
N GLN C 17 13.15 26.91 -22.05
CA GLN C 17 13.13 25.51 -22.48
C GLN C 17 12.71 24.62 -21.29
N HIS C 18 13.23 24.94 -20.12
CA HIS C 18 12.91 24.20 -18.90
C HIS C 18 11.44 24.41 -18.55
N GLY C 19 10.88 25.50 -19.04
CA GLY C 19 9.48 25.78 -18.81
C GLY C 19 8.61 24.82 -19.60
N ALA C 20 8.97 24.63 -20.86
CA ALA C 20 8.23 23.74 -21.76
C ALA C 20 8.40 22.28 -21.35
N ALA C 21 9.63 21.91 -20.99
CA ALA C 21 9.91 20.55 -20.58
C ALA C 21 9.08 20.18 -19.36
N ALA C 22 8.57 21.20 -18.67
CA ALA C 22 7.78 20.99 -17.47
C ALA C 22 6.43 20.37 -17.82
N TYR C 23 6.11 20.38 -19.10
CA TYR C 23 4.85 19.82 -19.57
C TYR C 23 4.95 18.34 -19.91
N CYS C 24 6.11 17.90 -20.40
CA CYS C 24 6.32 16.49 -20.75
C CYS C 24 7.10 15.69 -19.70
N ASN C 25 7.69 16.37 -18.71
CA ASN C 25 8.50 15.67 -17.71
C ASN C 25 8.03 15.72 -16.25
N SER C 26 6.86 16.26 -15.99
CA SER C 26 6.36 16.36 -14.62
C SER C 26 5.97 14.98 -14.11
N GLU C 27 6.17 13.98 -14.96
CA GLU C 27 5.80 12.64 -14.58
C GLU C 27 6.94 11.66 -14.80
N ALA C 28 8.07 12.17 -15.31
CA ALA C 28 9.24 11.34 -15.58
C ALA C 28 9.83 10.72 -14.33
N PRO C 29 10.48 9.55 -14.49
CA PRO C 29 11.10 8.82 -13.38
C PRO C 29 12.53 9.28 -13.12
N ALA C 30 12.97 9.11 -11.88
CA ALA C 30 14.32 9.51 -11.51
C ALA C 30 15.37 8.88 -12.42
N GLY C 31 16.50 9.55 -12.59
CA GLY C 31 17.55 9.02 -13.42
C GLY C 31 17.30 9.30 -14.89
N ALA C 32 16.02 9.41 -15.27
CA ALA C 32 15.65 9.66 -16.65
C ALA C 32 16.28 10.94 -17.18
N LYS C 33 16.39 11.05 -18.50
CA LYS C 33 16.98 12.25 -19.10
C LYS C 33 15.88 13.23 -19.41
N VAL C 34 16.05 14.49 -19.01
CA VAL C 34 15.03 15.49 -19.31
C VAL C 34 14.87 15.43 -20.82
N THR C 35 13.64 15.29 -21.30
CA THR C 35 13.43 15.22 -22.74
C THR C 35 12.17 15.94 -23.20
N CYS C 36 12.29 16.66 -24.32
CA CYS C 36 11.18 17.42 -24.89
C CYS C 36 10.87 16.99 -26.30
N SER C 37 9.60 16.74 -26.57
CA SER C 37 9.17 16.36 -27.90
C SER C 37 8.96 17.68 -28.66
N GLY C 38 8.91 17.63 -29.98
CA GLY C 38 8.72 18.86 -30.74
C GLY C 38 9.77 19.92 -30.47
N ASN C 39 10.99 19.47 -30.20
CA ASN C 39 12.11 20.37 -29.94
C ASN C 39 11.86 21.27 -28.72
N GLY C 40 11.07 20.77 -27.79
CA GLY C 40 10.77 21.53 -26.60
C GLY C 40 11.99 22.05 -25.86
N CYS C 41 13.15 21.42 -26.02
CA CYS C 41 14.33 21.89 -25.29
C CYS C 41 15.66 21.30 -25.73
N PRO C 42 16.11 21.65 -26.94
CA PRO C 42 17.38 21.14 -27.47
C PRO C 42 18.59 21.38 -26.58
N THR C 43 18.78 22.61 -26.13
CA THR C 43 19.90 22.92 -25.26
C THR C 43 19.87 22.11 -23.98
N VAL C 44 18.72 22.06 -23.33
CA VAL C 44 18.60 21.30 -22.09
C VAL C 44 19.08 19.86 -22.31
N GLN C 45 18.65 19.26 -23.41
CA GLN C 45 19.02 17.88 -23.73
C GLN C 45 20.51 17.69 -24.04
N SER C 46 21.16 18.70 -24.61
CA SER C 46 22.60 18.61 -24.94
C SER C 46 23.42 18.48 -23.67
N ASN C 47 23.07 19.26 -22.64
CA ASN C 47 23.76 19.16 -21.36
C ASN C 47 23.25 17.81 -20.85
N GLY C 48 23.72 17.38 -19.69
CA GLY C 48 23.24 16.12 -19.18
C GLY C 48 21.93 16.25 -18.42
N ALA C 49 21.09 17.20 -18.82
CA ALA C 49 19.82 17.42 -18.13
C ALA C 49 19.22 16.12 -17.62
N THR C 50 19.32 15.89 -16.31
CA THR C 50 18.80 14.66 -15.70
C THR C 50 17.84 14.87 -14.52
N ILE C 51 16.68 14.23 -14.58
CA ILE C 51 15.69 14.36 -13.53
C ILE C 51 16.12 13.71 -12.24
N VAL C 52 15.96 14.43 -11.15
CA VAL C 52 16.29 13.89 -9.84
C VAL C 52 14.99 13.31 -9.34
N ALA C 53 13.89 13.98 -9.68
CA ALA C 53 12.56 13.53 -9.29
C ALA C 53 11.47 14.37 -9.92
N SER C 54 10.27 13.82 -10.02
CA SER C 54 9.13 14.52 -10.57
C SER C 54 8.03 14.46 -9.50
N PHE C 55 6.94 15.17 -9.72
CA PHE C 55 5.85 15.19 -8.76
C PHE C 55 4.56 15.78 -9.33
N THR C 56 3.43 15.34 -8.80
CA THR C 56 2.12 15.81 -9.22
C THR C 56 1.20 15.97 -8.02
N GLY C 57 0.29 16.93 -8.11
CA GLY C 57 -0.66 17.18 -7.05
C GLY C 57 -2.08 17.08 -7.55
N SER C 58 -2.71 15.93 -7.32
CA SER C 58 -4.06 15.68 -7.79
C SER C 58 -5.08 16.79 -7.55
N LYS C 59 -5.08 17.40 -6.38
CA LYS C 59 -6.06 18.43 -6.13
C LYS C 59 -5.73 19.73 -6.85
N THR C 60 -4.48 20.16 -6.73
CA THR C 60 -4.06 21.40 -7.35
C THR C 60 -4.11 21.27 -8.87
N GLY C 61 -3.35 20.34 -9.41
CA GLY C 61 -3.33 20.17 -10.84
C GLY C 61 -1.94 20.45 -11.40
N ILE C 62 -1.10 21.13 -10.63
CA ILE C 62 0.24 21.40 -11.12
C ILE C 62 1.16 20.25 -10.84
N GLY C 63 2.28 20.27 -11.53
CA GLY C 63 3.27 19.24 -11.36
C GLY C 63 4.59 19.83 -11.80
N GLY C 64 5.65 19.03 -11.73
CA GLY C 64 6.95 19.52 -12.12
C GLY C 64 8.07 18.54 -11.83
N TYR C 65 9.29 19.04 -11.84
CA TYR C 65 10.44 18.19 -11.59
C TYR C 65 11.63 19.01 -11.12
N VAL C 66 12.63 18.32 -10.61
CA VAL C 66 13.88 18.94 -10.16
C VAL C 66 14.97 18.19 -10.94
N ALA C 67 15.71 18.89 -11.80
CA ALA C 67 16.75 18.23 -12.59
C ALA C 67 18.21 18.72 -12.41
N THR C 68 19.14 17.77 -12.47
CA THR C 68 20.56 18.06 -12.35
C THR C 68 21.18 18.18 -13.75
N ASP C 69 21.99 19.21 -13.93
CA ASP C 69 22.67 19.47 -15.20
C ASP C 69 24.19 19.50 -14.93
N PRO C 70 24.97 18.62 -15.59
CA PRO C 70 26.41 18.60 -15.38
C PRO C 70 27.20 19.64 -16.19
N THR C 71 26.61 20.11 -17.29
CA THR C 71 27.28 21.11 -18.10
C THR C 71 27.29 22.47 -17.40
N ARG C 72 26.10 22.94 -17.05
CA ARG C 72 25.94 24.22 -16.38
C ARG C 72 26.31 24.18 -14.89
N LYS C 73 26.33 22.98 -14.33
CA LYS C 73 26.66 22.82 -12.92
C LYS C 73 25.57 23.55 -12.14
N GLU C 74 24.32 23.14 -12.37
CA GLU C 74 23.16 23.74 -11.74
C GLU C 74 22.06 22.72 -11.47
N ILE C 75 21.19 23.03 -10.52
CA ILE C 75 20.06 22.19 -10.18
C ILE C 75 18.88 23.06 -10.61
N VAL C 76 17.96 22.51 -11.39
CA VAL C 76 16.81 23.29 -11.84
C VAL C 76 15.53 22.77 -11.20
N VAL C 77 14.52 23.63 -11.08
CA VAL C 77 13.22 23.28 -10.49
C VAL C 77 12.13 23.91 -11.37
N SER C 78 11.49 23.12 -12.24
CA SER C 78 10.46 23.63 -13.16
C SER C 78 9.02 23.23 -12.84
N PHE C 79 8.09 24.17 -13.04
CA PHE C 79 6.68 23.94 -12.80
C PHE C 79 5.89 24.23 -14.06
N ARG C 80 5.04 23.30 -14.47
CA ARG C 80 4.25 23.47 -15.68
C ARG C 80 3.08 24.42 -15.51
N GLY C 81 2.59 24.94 -16.63
CA GLY C 81 1.47 25.86 -16.58
C GLY C 81 0.11 25.18 -16.53
N SER C 82 -0.84 25.76 -17.26
CA SER C 82 -2.20 25.25 -17.30
C SER C 82 -2.44 24.38 -18.53
N ILE C 83 -3.22 23.32 -18.33
CA ILE C 83 -3.54 22.42 -19.41
C ILE C 83 -4.43 23.19 -20.39
N ASN C 84 -5.10 24.23 -19.87
CA ASN C 84 -5.93 25.11 -20.70
C ASN C 84 -5.88 26.48 -20.06
N ILE C 85 -5.09 27.37 -20.63
CA ILE C 85 -4.97 28.72 -20.06
C ILE C 85 -6.18 29.59 -20.30
N ARG C 86 -6.80 29.52 -21.48
CA ARG C 86 -7.96 30.38 -21.70
C ARG C 86 -9.07 29.99 -20.74
N ASN C 87 -9.05 28.73 -20.31
CA ASN C 87 -10.05 28.26 -19.37
C ASN C 87 -9.84 29.03 -18.08
N TRP C 88 -8.58 29.10 -17.65
CA TRP C 88 -8.18 29.81 -16.43
C TRP C 88 -8.63 31.27 -16.43
N LEU C 89 -8.62 31.89 -17.59
CA LEU C 89 -9.02 33.28 -17.64
C LEU C 89 -10.54 33.44 -17.44
N THR C 90 -11.33 32.51 -17.97
CA THR C 90 -12.80 32.59 -17.83
C THR C 90 -13.21 32.42 -16.39
N ASN C 91 -12.37 31.74 -15.62
CA ASN C 91 -12.66 31.50 -14.21
C ASN C 91 -12.59 32.74 -13.35
N LEU C 92 -11.74 33.70 -13.72
CA LEU C 92 -11.58 34.93 -12.96
C LEU C 92 -11.18 34.56 -11.53
N ASP C 93 -10.06 33.86 -11.44
CA ASP C 93 -9.53 33.37 -10.18
C ASP C 93 -8.65 34.39 -9.46
N PHE C 94 -9.27 35.29 -8.69
CA PHE C 94 -8.53 36.33 -8.00
C PHE C 94 -8.49 36.32 -6.48
N ASP C 95 -8.89 35.23 -5.84
CA ASP C 95 -8.88 35.22 -4.38
C ASP C 95 -7.51 35.06 -3.80
N GLN C 96 -7.29 35.57 -2.59
CA GLN C 96 -5.99 35.42 -1.96
C GLN C 96 -6.09 35.01 -0.50
N ASP C 97 -5.15 34.17 -0.06
CA ASP C 97 -5.10 33.73 1.34
C ASP C 97 -3.90 34.49 1.81
N ASP C 98 -3.56 34.41 3.09
CA ASP C 98 -2.36 35.10 3.50
C ASP C 98 -1.22 34.15 3.83
N CYS C 99 0.00 34.61 3.52
CA CYS C 99 1.23 33.85 3.75
C CYS C 99 1.89 34.27 5.05
N SER C 100 3.14 33.86 5.22
CA SER C 100 3.89 34.21 6.40
C SER C 100 5.38 34.27 6.08
N LEU C 101 5.70 34.96 4.98
CA LEU C 101 7.08 35.13 4.55
C LEU C 101 7.52 36.49 5.09
N THR C 102 6.62 37.46 5.07
CA THR C 102 6.88 38.81 5.58
C THR C 102 5.64 39.10 6.38
N SER C 103 5.50 40.31 6.88
CA SER C 103 4.33 40.67 7.65
C SER C 103 3.36 41.28 6.66
N GLY C 104 2.06 41.14 6.91
CA GLY C 104 1.08 41.69 6.00
C GLY C 104 1.07 40.98 4.64
N CYS C 105 1.75 39.83 4.60
CA CYS C 105 1.85 39.01 3.40
C CYS C 105 0.50 38.48 2.91
N GLY C 106 0.27 38.61 1.62
CA GLY C 106 -0.98 38.13 1.04
C GLY C 106 -0.60 37.47 -0.26
N VAL C 107 -1.14 36.29 -0.52
CA VAL C 107 -0.81 35.59 -1.75
C VAL C 107 -2.05 34.98 -2.40
N HIS C 108 -2.04 34.91 -3.74
CA HIS C 108 -3.13 34.34 -4.51
C HIS C 108 -3.45 32.96 -3.95
N SER C 109 -4.66 32.79 -3.43
CA SER C 109 -5.07 31.53 -2.82
C SER C 109 -4.73 30.23 -3.55
N GLY C 110 -4.98 30.19 -4.86
CA GLY C 110 -4.71 28.99 -5.64
C GLY C 110 -3.26 28.59 -5.88
N PHE C 111 -2.39 29.57 -6.12
CA PHE C 111 -0.98 29.25 -6.36
C PHE C 111 -0.34 28.76 -5.08
N GLN C 112 -0.77 29.34 -3.95
CA GLN C 112 -0.28 28.95 -2.62
C GLN C 112 -0.58 27.47 -2.42
N ASN C 113 -1.85 27.08 -2.53
CA ASN C 113 -2.22 25.67 -2.37
C ASN C 113 -1.41 24.80 -3.31
N ALA C 114 -1.41 25.16 -4.59
CA ALA C 114 -0.66 24.45 -5.62
C ALA C 114 0.71 24.04 -5.06
N TRP C 115 1.54 25.04 -4.77
CA TRP C 115 2.86 24.84 -4.20
C TRP C 115 2.79 24.08 -2.89
N ASN C 116 1.72 24.29 -2.14
CA ASN C 116 1.57 23.61 -0.86
C ASN C 116 1.19 22.14 -0.98
N GLU C 117 1.01 21.68 -2.21
CA GLU C 117 0.66 20.28 -2.40
C GLU C 117 1.94 19.52 -2.74
N ILE C 118 2.78 20.10 -3.58
CA ILE C 118 4.04 19.45 -3.96
C ILE C 118 5.27 20.00 -3.25
N SER C 119 5.13 21.10 -2.51
CA SER C 119 6.25 21.69 -1.80
C SER C 119 7.26 20.68 -1.25
N ALA C 120 6.78 19.71 -0.49
CA ALA C 120 7.64 18.71 0.11
C ALA C 120 8.49 17.96 -0.92
N ALA C 121 7.83 17.26 -1.82
CA ALA C 121 8.54 16.51 -2.84
C ALA C 121 9.61 17.37 -3.52
N ALA C 122 9.21 18.52 -4.06
CA ALA C 122 10.17 19.38 -4.73
C ALA C 122 11.31 19.77 -3.78
N THR C 123 10.96 20.13 -2.55
CA THR C 123 11.97 20.53 -1.58
C THR C 123 13.03 19.45 -1.42
N ALA C 124 12.62 18.22 -1.19
CA ALA C 124 13.57 17.14 -1.04
C ALA C 124 14.42 16.98 -2.31
N ALA C 125 13.75 16.93 -3.46
CA ALA C 125 14.46 16.78 -4.73
C ALA C 125 15.65 17.75 -4.87
N VAL C 126 15.48 18.97 -4.40
CA VAL C 126 16.55 19.96 -4.47
C VAL C 126 17.59 19.67 -3.38
N ALA C 127 17.12 19.34 -2.18
CA ALA C 127 18.02 19.04 -1.05
C ALA C 127 18.85 17.81 -1.39
N LYS C 128 18.24 16.86 -2.10
CA LYS C 128 18.91 15.65 -2.49
C LYS C 128 19.96 16.01 -3.53
N ALA C 129 19.51 16.63 -4.61
CA ALA C 129 20.39 17.04 -5.71
C ALA C 129 21.54 17.92 -5.23
N ARG C 130 21.22 18.86 -4.36
CA ARG C 130 22.19 19.79 -3.81
C ARG C 130 23.24 19.08 -2.94
N LYS C 131 22.79 18.06 -2.19
CA LYS C 131 23.64 17.29 -1.30
C LYS C 131 24.50 16.29 -2.07
N ALA C 132 24.33 16.30 -3.39
CA ALA C 132 25.07 15.41 -4.28
C ALA C 132 25.99 16.25 -5.18
N ASN C 133 25.62 17.52 -5.37
CA ASN C 133 26.36 18.47 -6.20
C ASN C 133 26.37 19.81 -5.48
N PRO C 134 27.14 19.91 -4.39
CA PRO C 134 27.27 21.10 -3.54
C PRO C 134 27.90 22.30 -4.24
N SER C 135 28.28 22.12 -5.51
CA SER C 135 28.92 23.18 -6.27
C SER C 135 28.02 23.76 -7.36
N PHE C 136 26.80 23.24 -7.45
CA PHE C 136 25.83 23.66 -8.46
C PHE C 136 24.92 24.80 -8.02
N LYS C 137 24.83 25.84 -8.84
CA LYS C 137 23.96 26.95 -8.49
C LYS C 137 22.54 26.39 -8.59
N VAL C 138 21.58 27.09 -7.99
CA VAL C 138 20.19 26.62 -8.00
C VAL C 138 19.28 27.64 -8.66
N VAL C 139 18.50 27.17 -9.63
CA VAL C 139 17.56 27.99 -10.39
C VAL C 139 16.13 27.46 -10.26
N SER C 140 15.13 28.34 -10.37
CA SER C 140 13.73 27.91 -10.31
C SER C 140 13.02 28.48 -11.54
N VAL C 141 12.43 27.61 -12.35
CA VAL C 141 11.78 28.01 -13.60
C VAL C 141 10.29 27.69 -13.68
N GLY C 142 9.56 28.52 -14.44
CA GLY C 142 8.15 28.30 -14.60
C GLY C 142 7.53 29.26 -15.60
N HIS C 143 6.71 28.71 -16.50
CA HIS C 143 5.98 29.49 -17.52
C HIS C 143 4.51 29.50 -17.15
N SER C 144 3.81 30.56 -17.51
CA SER C 144 2.38 30.67 -17.19
C SER C 144 2.16 30.40 -15.69
N LEU C 145 0.95 29.97 -15.35
CA LEU C 145 0.63 29.67 -13.95
C LEU C 145 1.83 29.02 -13.29
N GLY C 146 2.64 28.34 -14.10
CA GLY C 146 3.84 27.68 -13.60
C GLY C 146 4.83 28.65 -13.00
N GLY C 147 4.83 29.88 -13.49
CA GLY C 147 5.74 30.85 -12.94
C GLY C 147 5.29 31.13 -11.51
N ALA C 148 4.03 31.50 -11.38
CA ALA C 148 3.44 31.82 -10.09
C ALA C 148 3.96 30.86 -9.04
N VAL C 149 3.91 29.57 -9.34
CA VAL C 149 4.38 28.61 -8.36
C VAL C 149 5.90 28.76 -8.21
N ALA C 150 6.61 28.95 -9.32
CA ALA C 150 8.06 29.11 -9.27
C ALA C 150 8.49 30.24 -8.33
N THR C 151 7.73 31.33 -8.35
CA THR C 151 8.03 32.45 -7.49
C THR C 151 7.89 31.99 -6.04
N LEU C 152 6.68 31.57 -5.69
CA LEU C 152 6.43 31.11 -4.33
C LEU C 152 7.50 30.07 -3.95
N ALA C 153 7.67 29.06 -4.80
CA ALA C 153 8.64 27.99 -4.56
C ALA C 153 10.06 28.51 -4.34
N GLY C 154 10.45 29.50 -5.14
CA GLY C 154 11.77 30.08 -5.00
C GLY C 154 11.91 30.80 -3.68
N ALA C 155 10.84 31.47 -3.27
CA ALA C 155 10.80 32.21 -2.02
C ALA C 155 11.03 31.34 -0.80
N ASN C 156 10.23 30.29 -0.68
CA ASN C 156 10.36 29.38 0.45
C ASN C 156 11.73 28.73 0.48
N LEU C 157 12.14 28.14 -0.65
CA LEU C 157 13.45 27.50 -0.74
C LEU C 157 14.56 28.41 -0.25
N ARG C 158 14.53 29.67 -0.67
CA ARG C 158 15.55 30.63 -0.24
C ARG C 158 15.41 30.83 1.25
N ILE C 159 14.19 31.05 1.73
CA ILE C 159 13.95 31.23 3.15
C ILE C 159 14.43 29.98 3.88
N GLY C 160 14.39 28.85 3.18
CA GLY C 160 14.84 27.60 3.77
C GLY C 160 16.35 27.38 3.83
N GLY C 161 17.12 28.07 3.00
CA GLY C 161 18.56 27.88 3.07
C GLY C 161 19.32 27.92 1.76
N THR C 162 18.64 27.62 0.65
CA THR C 162 19.32 27.62 -0.64
C THR C 162 19.10 28.90 -1.43
N PRO C 163 20.19 29.54 -1.87
CA PRO C 163 20.07 30.78 -2.66
C PRO C 163 19.69 30.36 -4.07
N LEU C 164 19.12 31.27 -4.86
CA LEU C 164 18.72 30.90 -6.21
C LEU C 164 18.15 32.04 -7.03
N ASP C 165 18.16 31.86 -8.35
CA ASP C 165 17.58 32.83 -9.28
C ASP C 165 16.25 32.24 -9.72
N ILE C 166 15.30 33.12 -10.05
CA ILE C 166 13.96 32.71 -10.48
C ILE C 166 13.63 33.22 -11.87
N TYR C 167 13.33 32.32 -12.81
CA TYR C 167 13.00 32.74 -14.16
C TYR C 167 11.58 32.37 -14.52
N THR C 168 10.73 33.37 -14.71
CA THR C 168 9.34 33.11 -15.07
C THR C 168 9.02 33.74 -16.42
N TYR C 169 8.03 33.20 -17.12
CA TYR C 169 7.63 33.74 -18.42
C TYR C 169 6.12 33.78 -18.50
N GLY C 170 5.56 34.87 -19.00
CA GLY C 170 4.12 34.97 -19.11
C GLY C 170 3.46 34.63 -17.78
N SER C 171 4.08 35.10 -16.70
CA SER C 171 3.58 34.87 -15.33
C SER C 171 2.63 35.90 -14.79
N PRO C 172 1.64 35.45 -14.00
CA PRO C 172 0.64 36.32 -13.37
C PRO C 172 1.20 36.81 -12.03
N ARG C 173 0.55 37.82 -11.47
CA ARG C 173 0.96 38.37 -10.18
C ARG C 173 0.69 37.25 -9.19
N VAL C 174 1.55 37.08 -8.21
CA VAL C 174 1.37 35.99 -7.27
C VAL C 174 0.90 36.42 -5.88
N GLY C 175 1.03 37.70 -5.58
CA GLY C 175 0.64 38.18 -4.27
C GLY C 175 0.43 39.67 -4.13
N ASN C 176 0.18 40.09 -2.89
CA ASN C 176 -0.05 41.49 -2.59
C ASN C 176 1.27 42.26 -2.57
N THR C 177 1.16 43.52 -2.18
CA THR C 177 2.31 44.41 -2.13
C THR C 177 3.53 43.92 -1.34
N GLN C 178 3.31 43.45 -0.13
CA GLN C 178 4.42 42.99 0.72
C GLN C 178 5.07 41.72 0.22
N LEU C 179 4.27 40.81 -0.32
CA LEU C 179 4.81 39.55 -0.81
C LEU C 179 5.69 39.76 -2.02
N ALA C 180 5.24 40.62 -2.93
CA ALA C 180 6.01 40.89 -4.13
C ALA C 180 7.28 41.63 -3.74
N ALA C 181 7.11 42.63 -2.89
CA ALA C 181 8.24 43.43 -2.44
C ALA C 181 9.25 42.57 -1.66
N PHE C 182 8.76 41.63 -0.87
CA PHE C 182 9.66 40.76 -0.13
C PHE C 182 10.54 39.97 -1.09
N VAL C 183 9.92 39.30 -2.05
CA VAL C 183 10.68 38.50 -3.01
C VAL C 183 11.71 39.32 -3.76
N SER C 184 11.24 40.33 -4.48
CA SER C 184 12.14 41.18 -5.24
C SER C 184 13.35 41.58 -4.38
N ASN C 185 13.12 41.77 -3.07
CA ASN C 185 14.20 42.18 -2.18
C ASN C 185 15.02 41.03 -1.61
N GLN C 186 14.57 39.79 -1.80
CA GLN C 186 15.32 38.65 -1.32
C GLN C 186 16.58 38.60 -2.17
N ALA C 187 17.65 38.06 -1.61
CA ALA C 187 18.90 37.92 -2.34
C ALA C 187 18.62 36.92 -3.45
N GLY C 188 18.94 37.32 -4.68
CA GLY C 188 18.71 36.44 -5.80
C GLY C 188 18.02 37.24 -6.89
N GLY C 189 18.12 36.73 -8.10
CA GLY C 189 17.52 37.41 -9.22
C GLY C 189 16.10 36.97 -9.40
N GLU C 190 15.27 37.90 -9.85
CA GLU C 190 13.86 37.63 -10.11
C GLU C 190 13.65 38.16 -11.53
N PHE C 191 13.94 37.33 -12.53
CA PHE C 191 13.76 37.76 -13.92
C PHE C 191 12.42 37.28 -14.42
N ARG C 192 11.42 38.14 -14.45
CA ARG C 192 10.12 37.73 -14.97
C ARG C 192 9.93 38.31 -16.35
N VAL C 193 9.93 37.42 -17.35
CA VAL C 193 9.78 37.82 -18.74
C VAL C 193 8.32 37.88 -19.17
N THR C 194 8.01 38.78 -20.10
CA THR C 194 6.66 38.96 -20.64
C THR C 194 6.68 39.20 -22.16
N ASN C 195 5.64 38.74 -22.85
CA ASN C 195 5.57 38.89 -24.31
C ASN C 195 4.43 39.82 -24.72
N ALA C 196 4.80 40.96 -25.31
CA ALA C 196 3.85 41.98 -25.79
C ALA C 196 2.55 42.13 -24.99
N LYS C 197 1.44 41.74 -25.59
CA LYS C 197 0.15 41.89 -24.92
C LYS C 197 -0.39 40.61 -24.29
N ASP C 198 0.52 39.74 -23.85
CA ASP C 198 0.16 38.50 -23.19
C ASP C 198 -0.66 38.88 -21.95
N PRO C 199 -1.98 38.57 -21.93
CA PRO C 199 -2.93 38.86 -20.86
C PRO C 199 -2.70 38.26 -19.48
N VAL C 200 -1.96 37.17 -19.40
CA VAL C 200 -1.71 36.56 -18.11
C VAL C 200 -0.98 37.51 -17.14
N PRO C 201 0.12 38.16 -17.60
CA PRO C 201 0.85 39.09 -16.74
C PRO C 201 0.12 40.39 -16.45
N ARG C 202 -1.20 40.37 -16.63
CA ARG C 202 -2.05 41.53 -16.35
C ARG C 202 -3.03 41.09 -15.26
N LEU C 203 -2.95 39.81 -14.90
CA LEU C 203 -3.82 39.23 -13.89
C LEU C 203 -3.01 38.60 -12.77
N PRO C 204 -3.55 38.56 -11.54
CA PRO C 204 -4.88 39.10 -11.24
C PRO C 204 -4.79 40.62 -11.32
N PRO C 205 -5.93 41.31 -11.42
CA PRO C 205 -6.04 42.76 -11.51
C PRO C 205 -5.25 43.53 -10.45
N LEU C 206 -4.70 44.66 -10.86
CA LEU C 206 -3.92 45.49 -9.96
C LEU C 206 -4.84 46.04 -8.86
N ILE C 207 -6.04 46.46 -9.25
CA ILE C 207 -7.01 47.03 -8.32
C ILE C 207 -7.44 46.09 -7.21
N PHE C 208 -6.92 44.87 -7.22
CA PHE C 208 -7.29 43.92 -6.19
C PHE C 208 -6.15 43.62 -5.24
N GLY C 209 -5.22 44.56 -5.16
CA GLY C 209 -4.08 44.43 -4.28
C GLY C 209 -2.84 43.77 -4.86
N TYR C 210 -3.02 42.99 -5.92
CA TYR C 210 -1.88 42.29 -6.51
C TYR C 210 -0.78 43.23 -7.04
N ARG C 211 0.45 42.77 -6.95
CA ARG C 211 1.58 43.55 -7.44
C ARG C 211 2.43 42.63 -8.30
N HIS C 212 3.67 43.00 -8.55
CA HIS C 212 4.55 42.18 -9.37
C HIS C 212 5.96 42.39 -8.85
N THR C 213 6.80 41.37 -8.99
CA THR C 213 8.18 41.49 -8.56
C THR C 213 8.80 42.41 -9.60
N SER C 214 9.89 43.10 -9.25
CA SER C 214 10.58 44.01 -10.18
C SER C 214 11.99 43.50 -10.44
N PRO C 215 12.50 43.67 -11.66
CA PRO C 215 11.94 44.29 -12.87
C PRO C 215 11.05 43.40 -13.72
N GLU C 216 10.80 43.87 -14.93
CA GLU C 216 9.98 43.20 -15.94
C GLU C 216 10.80 43.34 -17.21
N TYR C 217 11.08 42.25 -17.91
CA TYR C 217 11.82 42.35 -19.16
C TYR C 217 10.78 42.14 -20.24
N TRP C 218 10.26 43.25 -20.76
CA TRP C 218 9.21 43.20 -21.77
C TRP C 218 9.67 43.04 -23.23
N LEU C 219 9.22 41.95 -23.83
CA LEU C 219 9.53 41.67 -25.22
C LEU C 219 8.61 42.60 -25.98
N SER C 220 9.14 43.71 -26.47
CA SER C 220 8.34 44.68 -27.20
C SER C 220 8.27 44.39 -28.71
N GLY C 221 7.08 43.97 -29.15
CA GLY C 221 6.87 43.66 -30.55
C GLY C 221 5.49 43.13 -30.83
N SER C 222 5.27 42.74 -32.08
CA SER C 222 3.98 42.20 -32.53
C SER C 222 3.62 41.03 -31.66
N GLY C 223 4.64 40.21 -31.42
CA GLY C 223 4.52 39.07 -30.56
C GLY C 223 3.47 38.02 -30.82
N GLY C 224 2.26 38.42 -31.20
CA GLY C 224 1.19 37.47 -31.46
C GLY C 224 1.67 36.04 -31.32
N ASP C 225 2.65 35.70 -32.15
CA ASP C 225 3.27 34.40 -32.15
C ASP C 225 4.71 34.66 -32.61
N LYS C 226 5.15 35.91 -32.44
CA LYS C 226 6.46 36.28 -32.87
C LYS C 226 7.52 35.27 -32.53
N ILE C 227 8.26 34.98 -33.58
CA ILE C 227 9.35 34.04 -33.60
C ILE C 227 10.56 34.53 -32.80
N ASP C 228 11.43 35.25 -33.51
CA ASP C 228 12.70 35.76 -33.02
C ASP C 228 12.74 37.15 -32.41
N TYR C 229 13.15 37.20 -31.15
CA TYR C 229 13.30 38.47 -30.46
C TYR C 229 14.80 38.57 -30.23
N THR C 230 15.29 39.80 -30.05
CA THR C 230 16.70 39.99 -29.83
C THR C 230 16.95 40.93 -28.66
N ILE C 231 18.12 40.79 -28.05
CA ILE C 231 18.51 41.58 -26.89
C ILE C 231 18.00 43.02 -26.98
N ASN C 232 17.74 43.49 -28.19
CA ASN C 232 17.26 44.86 -28.36
C ASN C 232 15.77 45.03 -28.59
N ASP C 233 14.97 44.06 -28.15
CA ASP C 233 13.51 44.14 -28.26
C ASP C 233 12.98 44.21 -26.84
N VAL C 234 13.88 43.93 -25.90
CA VAL C 234 13.58 43.94 -24.48
C VAL C 234 13.49 45.33 -23.88
N LYS C 235 12.36 45.66 -23.26
CA LYS C 235 12.17 46.94 -22.58
C LYS C 235 12.12 46.62 -21.08
N VAL C 236 12.76 47.43 -20.23
CA VAL C 236 12.73 47.16 -18.79
C VAL C 236 11.78 48.09 -18.06
N CYS C 237 10.88 47.53 -17.27
CA CYS C 237 9.91 48.32 -16.53
C CYS C 237 10.03 47.91 -15.08
N GLU C 238 10.60 48.80 -14.27
CA GLU C 238 10.78 48.49 -12.87
C GLU C 238 9.57 48.94 -12.10
N GLY C 239 9.48 48.53 -10.84
CA GLY C 239 8.33 48.93 -10.06
C GLY C 239 7.37 47.79 -9.84
N ALA C 240 6.74 47.76 -8.67
CA ALA C 240 5.80 46.70 -8.31
C ALA C 240 4.42 46.85 -8.90
N ALA C 241 4.17 47.99 -9.54
CA ALA C 241 2.87 48.27 -10.14
C ALA C 241 3.00 49.07 -11.41
N ASN C 242 4.09 48.85 -12.13
CA ASN C 242 4.33 49.57 -13.37
C ASN C 242 3.50 48.96 -14.51
N LEU C 243 2.72 49.79 -15.20
CA LEU C 243 1.89 49.32 -16.30
C LEU C 243 2.38 49.92 -17.63
N GLN C 244 3.55 50.57 -17.60
CA GLN C 244 4.12 51.19 -18.80
C GLN C 244 4.34 50.16 -19.89
N CYS C 245 4.41 48.90 -19.48
CA CYS C 245 4.67 47.83 -20.42
C CYS C 245 3.53 46.82 -20.57
N ASN C 246 3.82 45.55 -20.40
CA ASN C 246 2.79 44.52 -20.56
C ASN C 246 1.48 44.78 -19.79
N GLY C 247 1.58 45.32 -18.58
CA GLY C 247 0.42 45.58 -17.74
C GLY C 247 -0.56 46.64 -18.21
N GLY C 248 -0.26 47.28 -19.32
CA GLY C 248 -1.14 48.31 -19.84
C GLY C 248 -1.74 47.94 -21.19
N THR C 249 -1.44 46.73 -21.66
CA THR C 249 -1.93 46.25 -22.94
C THR C 249 -3.37 45.72 -22.88
N LEU C 250 -3.96 45.49 -24.05
CA LEU C 250 -5.31 44.96 -24.14
C LEU C 250 -5.38 43.75 -25.07
N GLY C 251 -6.59 43.40 -25.51
CA GLY C 251 -6.73 42.25 -26.40
C GLY C 251 -6.69 40.91 -25.68
N LEU C 252 -7.05 39.85 -26.40
CA LEU C 252 -7.06 38.51 -25.83
C LEU C 252 -5.98 37.66 -26.49
N ASP C 253 -4.90 38.31 -26.90
CA ASP C 253 -3.80 37.63 -27.57
C ASP C 253 -3.08 36.54 -26.77
N ILE C 254 -3.74 35.40 -26.65
CA ILE C 254 -3.21 34.25 -25.91
C ILE C 254 -2.05 33.59 -26.64
N ASP C 255 -2.04 33.69 -27.97
CA ASP C 255 -1.01 33.09 -28.80
C ASP C 255 0.36 33.55 -28.33
N ALA C 256 0.42 34.81 -27.92
CA ALA C 256 1.66 35.40 -27.44
C ALA C 256 2.04 34.80 -26.09
N HIS C 257 1.04 34.44 -25.29
CA HIS C 257 1.30 33.82 -23.99
C HIS C 257 2.01 32.49 -24.18
N LEU C 258 2.03 32.00 -25.42
CA LEU C 258 2.67 30.72 -25.71
C LEU C 258 3.99 30.81 -26.47
N HIS C 259 4.44 32.01 -26.80
CA HIS C 259 5.70 32.12 -27.55
C HIS C 259 6.80 32.94 -26.88
N TYR C 260 7.49 32.28 -25.97
CA TYR C 260 8.60 32.91 -25.25
C TYR C 260 9.93 32.43 -25.82
N PHE C 261 10.26 32.96 -27.00
CA PHE C 261 11.47 32.63 -27.76
C PHE C 261 11.24 31.28 -28.46
N GLN C 262 10.11 30.66 -28.14
CA GLN C 262 9.75 29.37 -28.72
C GLN C 262 8.35 28.98 -28.29
N ALA C 263 7.88 27.87 -28.83
CA ALA C 263 6.56 27.37 -28.49
C ALA C 263 6.67 26.79 -27.10
N THR C 264 5.65 27.02 -26.29
CA THR C 264 5.64 26.50 -24.94
C THR C 264 4.77 25.26 -24.92
N ASP C 265 3.97 25.11 -25.97
CA ASP C 265 3.06 24.00 -26.10
C ASP C 265 3.57 22.97 -27.10
N ALA C 266 4.80 22.53 -26.90
CA ALA C 266 5.39 21.52 -27.77
C ALA C 266 5.43 20.24 -26.93
N CYS C 267 4.28 19.88 -26.34
CA CYS C 267 4.17 18.70 -25.49
C CYS C 267 2.73 18.52 -24.97
N SER C 268 1.94 17.77 -25.73
CA SER C 268 0.53 17.49 -25.43
C SER C 268 0.04 18.02 -24.09
N THR C 290 -18.75 29.02 -21.82
CA THR C 290 -18.98 29.93 -20.70
C THR C 290 -18.93 31.39 -21.15
N MET C 291 -18.27 31.67 -22.27
CA MET C 291 -18.20 33.03 -22.81
C MET C 291 -17.36 33.14 -24.08
N THR C 292 -17.94 33.79 -25.08
CA THR C 292 -17.30 33.99 -26.38
C THR C 292 -15.93 34.65 -26.27
N ASP C 293 -15.22 34.71 -27.40
CA ASP C 293 -13.91 35.33 -27.43
C ASP C 293 -14.01 36.83 -27.23
N ALA C 294 -15.03 37.44 -27.82
CA ALA C 294 -15.23 38.88 -27.69
C ALA C 294 -15.61 39.18 -26.25
N GLU C 295 -16.38 38.27 -25.67
CA GLU C 295 -16.84 38.40 -24.30
C GLU C 295 -15.69 38.42 -23.30
N LEU C 296 -14.92 37.34 -23.27
CA LEU C 296 -13.79 37.25 -22.34
C LEU C 296 -12.84 38.45 -22.49
N GLU C 297 -12.55 38.83 -23.72
CA GLU C 297 -11.67 39.96 -23.97
C GLU C 297 -12.23 41.25 -23.37
N LYS C 298 -13.55 41.42 -23.40
CA LYS C 298 -14.18 42.63 -22.86
C LYS C 298 -14.04 42.72 -21.35
N LYS C 299 -14.06 41.57 -20.69
CA LYS C 299 -13.96 41.55 -19.25
C LYS C 299 -12.49 41.70 -18.86
N LEU C 300 -11.62 40.88 -19.45
CA LEU C 300 -10.21 40.99 -19.12
C LEU C 300 -9.66 42.37 -19.52
N ASN C 301 -10.46 43.11 -20.27
CA ASN C 301 -10.07 44.44 -20.74
C ASN C 301 -10.45 45.50 -19.73
N SER C 302 -11.67 45.42 -19.23
CA SER C 302 -12.18 46.38 -18.26
C SER C 302 -11.29 46.44 -17.03
N TYR C 303 -10.52 45.38 -16.77
CA TYR C 303 -9.60 45.36 -15.65
C TYR C 303 -8.36 46.16 -16.00
N VAL C 304 -7.80 45.93 -17.19
CA VAL C 304 -6.61 46.69 -17.60
C VAL C 304 -7.01 48.15 -17.54
N GLU C 305 -8.24 48.43 -17.93
CA GLU C 305 -8.72 49.80 -17.91
C GLU C 305 -8.81 50.31 -16.47
N MET C 306 -9.41 49.54 -15.56
CA MET C 306 -9.49 49.94 -14.15
C MET C 306 -8.09 50.17 -13.60
N ASP C 307 -7.19 49.23 -13.86
CA ASP C 307 -5.82 49.34 -13.39
C ASP C 307 -5.18 50.65 -13.84
N LYS C 308 -5.32 51.02 -15.11
CA LYS C 308 -4.73 52.28 -15.58
C LYS C 308 -5.36 53.49 -14.90
N GLU C 309 -6.45 53.28 -14.17
CA GLU C 309 -7.14 54.35 -13.47
C GLU C 309 -6.58 54.40 -12.05
N TYR C 310 -6.22 53.25 -11.52
CA TYR C 310 -5.66 53.21 -10.20
C TYR C 310 -4.41 54.06 -10.31
N ILE C 311 -3.69 53.86 -11.41
CA ILE C 311 -2.48 54.59 -11.64
C ILE C 311 -2.75 56.05 -11.94
N LYS C 312 -3.45 56.33 -13.02
CA LYS C 312 -3.75 57.73 -13.38
C LYS C 312 -4.26 58.51 -12.20
N THR C 313 -4.81 57.81 -11.23
CA THR C 313 -5.38 58.45 -10.05
C THR C 313 -4.40 58.61 -8.88
N HIS C 314 -3.25 57.97 -9.00
CA HIS C 314 -2.21 58.04 -7.99
C HIS C 314 -0.96 58.73 -8.59
N ALA C 315 -1.09 59.17 -9.84
CA ALA C 315 -0.01 59.84 -10.55
C ALA C 315 0.77 60.84 -9.70
N SER C 316 0.06 61.56 -8.83
CA SER C 316 0.70 62.55 -7.98
C SER C 316 0.83 62.04 -6.55
N ARG C 317 1.60 60.98 -6.33
CA ARG C 317 1.73 60.48 -4.96
C ARG C 317 3.09 59.97 -4.53
N SER C 318 3.17 59.70 -3.23
CA SER C 318 4.36 59.19 -2.58
C SER C 318 5.41 60.29 -2.56
N ALA D 1 10.31 -54.20 -13.93
CA ALA D 1 11.34 -53.85 -12.91
C ALA D 1 11.91 -52.45 -13.18
N VAL D 2 12.19 -51.70 -12.12
CA VAL D 2 12.74 -50.35 -12.27
C VAL D 2 14.26 -50.28 -12.15
N SER D 3 14.91 -49.67 -13.12
CA SER D 3 16.36 -49.54 -13.11
C SER D 3 16.80 -48.08 -13.24
N VAL D 4 17.96 -47.76 -12.68
CA VAL D 4 18.47 -46.40 -12.74
C VAL D 4 19.28 -46.14 -14.01
N SER D 5 18.63 -45.46 -14.95
CA SER D 5 19.24 -45.10 -16.23
C SER D 5 20.50 -44.27 -16.03
N THR D 6 21.18 -43.98 -17.12
CA THR D 6 22.38 -43.19 -17.05
C THR D 6 21.93 -41.73 -17.14
N THR D 7 20.90 -41.49 -17.95
CA THR D 7 20.36 -40.14 -18.07
C THR D 7 19.66 -39.77 -16.75
N ASP D 8 19.24 -40.80 -16.01
CA ASP D 8 18.58 -40.62 -14.71
C ASP D 8 19.55 -39.95 -13.72
N PHE D 9 20.53 -40.73 -13.27
CA PHE D 9 21.54 -40.28 -12.31
C PHE D 9 22.05 -38.88 -12.57
N GLY D 10 22.08 -38.48 -13.84
CA GLY D 10 22.54 -37.15 -14.16
C GLY D 10 21.63 -36.15 -13.49
N ASN D 11 20.33 -36.35 -13.68
CA ASN D 11 19.33 -35.47 -13.11
C ASN D 11 19.37 -35.49 -11.59
N PHE D 12 19.85 -36.60 -11.04
CA PHE D 12 19.95 -36.73 -9.59
C PHE D 12 21.01 -35.78 -9.04
N LYS D 13 22.17 -35.76 -9.69
CA LYS D 13 23.25 -34.88 -9.23
C LYS D 13 22.99 -33.44 -9.67
N PHE D 14 21.97 -33.24 -10.51
CA PHE D 14 21.63 -31.90 -11.00
C PHE D 14 20.61 -31.16 -10.13
N TYR D 15 19.33 -31.50 -10.30
CA TYR D 15 18.22 -30.88 -9.59
C TYR D 15 18.40 -30.52 -8.13
N ILE D 16 19.24 -31.24 -7.40
CA ILE D 16 19.41 -30.87 -6.01
C ILE D 16 20.11 -29.53 -5.92
N GLN D 17 20.62 -29.05 -7.06
CA GLN D 17 21.23 -27.73 -7.08
C GLN D 17 20.08 -26.76 -6.89
N HIS D 18 19.08 -26.84 -7.77
CA HIS D 18 17.90 -26.00 -7.64
C HIS D 18 17.43 -26.18 -6.21
N GLY D 19 17.44 -27.41 -5.74
CA GLY D 19 17.01 -27.70 -4.39
C GLY D 19 17.79 -26.97 -3.31
N ALA D 20 19.05 -26.66 -3.59
CA ALA D 20 19.87 -25.96 -2.63
C ALA D 20 19.64 -24.47 -2.82
N ALA D 21 19.16 -24.10 -4.00
CA ALA D 21 18.89 -22.71 -4.36
C ALA D 21 17.75 -22.07 -3.61
N ALA D 22 16.66 -22.81 -3.42
CA ALA D 22 15.48 -22.28 -2.71
C ALA D 22 15.89 -21.72 -1.35
N TYR D 23 17.12 -22.01 -0.97
CA TYR D 23 17.70 -21.54 0.28
C TYR D 23 18.33 -20.17 0.03
N CYS D 24 18.96 -20.01 -1.12
CA CYS D 24 19.59 -18.73 -1.49
C CYS D 24 18.51 -17.88 -2.18
N ASN D 25 18.32 -18.10 -3.48
CA ASN D 25 17.35 -17.37 -4.28
C ASN D 25 15.90 -17.34 -3.82
N SER D 26 15.64 -17.79 -2.61
CA SER D 26 14.28 -17.83 -2.07
C SER D 26 13.44 -16.60 -2.37
N GLU D 27 14.01 -15.43 -2.10
CA GLU D 27 13.31 -14.15 -2.29
C GLU D 27 13.84 -13.34 -3.47
N ALA D 28 14.30 -14.03 -4.50
CA ALA D 28 14.83 -13.38 -5.69
C ALA D 28 13.92 -12.31 -6.27
N PRO D 29 14.47 -11.43 -7.14
CA PRO D 29 13.73 -10.35 -7.81
C PRO D 29 13.38 -10.87 -9.20
N ALA D 30 12.11 -10.76 -9.57
CA ALA D 30 11.65 -11.25 -10.88
C ALA D 30 12.51 -10.81 -12.07
N GLY D 31 13.28 -11.74 -12.61
CA GLY D 31 14.15 -11.43 -13.74
C GLY D 31 15.60 -11.68 -13.39
N ALA D 32 15.90 -11.55 -12.10
CA ALA D 32 17.25 -11.78 -11.60
C ALA D 32 17.78 -13.14 -12.04
N LYS D 33 19.03 -13.45 -11.69
CA LYS D 33 19.61 -14.72 -12.08
C LYS D 33 19.84 -15.60 -10.86
N VAL D 34 19.57 -16.90 -11.02
CA VAL D 34 19.77 -17.83 -9.92
C VAL D 34 21.24 -17.80 -9.54
N THR D 35 21.53 -17.36 -8.31
CA THR D 35 22.90 -17.29 -7.82
C THR D 35 23.07 -17.97 -6.48
N CYS D 36 23.85 -19.05 -6.49
CA CYS D 36 24.12 -19.83 -5.29
C CYS D 36 25.51 -19.51 -4.79
N SER D 37 25.57 -18.88 -3.62
CA SER D 37 26.83 -18.51 -3.00
C SER D 37 27.32 -19.72 -2.22
N GLY D 38 28.48 -20.24 -2.59
CA GLY D 38 29.01 -21.42 -1.92
C GLY D 38 29.01 -22.52 -2.95
N ASN D 39 29.09 -22.11 -4.21
CA ASN D 39 29.08 -23.01 -5.35
C ASN D 39 27.91 -23.98 -5.25
N GLY D 40 26.85 -23.53 -4.58
CA GLY D 40 25.68 -24.36 -4.41
C GLY D 40 25.00 -24.83 -5.68
N CYS D 41 25.27 -24.19 -6.82
CA CYS D 41 24.60 -24.63 -8.05
C CYS D 41 25.25 -24.16 -9.32
N PRO D 42 26.58 -24.25 -9.42
CA PRO D 42 27.26 -23.80 -10.63
C PRO D 42 26.52 -24.18 -11.90
N THR D 43 26.29 -25.47 -12.12
CA THR D 43 25.59 -25.91 -13.32
C THR D 43 24.32 -25.10 -13.58
N VAL D 44 23.75 -24.51 -12.54
CA VAL D 44 22.57 -23.69 -12.71
C VAL D 44 23.05 -22.30 -13.10
N GLN D 45 23.96 -21.75 -12.30
CA GLN D 45 24.53 -20.43 -12.58
C GLN D 45 25.10 -20.52 -13.99
N SER D 46 25.92 -21.54 -14.23
CA SER D 46 26.56 -21.76 -15.53
C SER D 46 25.54 -22.12 -16.62
N ASN D 47 24.27 -21.79 -16.37
CA ASN D 47 23.20 -22.03 -17.30
C ASN D 47 22.21 -20.89 -17.21
N GLY D 48 21.33 -20.78 -18.20
CA GLY D 48 20.34 -19.72 -18.18
C GLY D 48 19.45 -19.82 -16.94
N ALA D 49 19.97 -19.32 -15.83
CA ALA D 49 19.27 -19.35 -14.55
C ALA D 49 18.45 -18.09 -14.33
N THR D 50 17.30 -18.00 -14.98
CA THR D 50 16.44 -16.84 -14.85
C THR D 50 15.23 -17.10 -13.95
N ILE D 51 14.89 -16.15 -13.10
CA ILE D 51 13.73 -16.27 -12.21
C ILE D 51 12.49 -15.73 -12.92
N VAL D 52 11.32 -16.19 -12.51
CA VAL D 52 10.08 -15.70 -13.09
C VAL D 52 9.31 -15.04 -11.96
N ALA D 53 9.31 -15.69 -10.81
CA ALA D 53 8.64 -15.17 -9.61
C ALA D 53 9.23 -15.82 -8.38
N SER D 54 9.36 -15.05 -7.32
CA SER D 54 9.91 -15.54 -6.07
C SER D 54 8.83 -15.36 -5.00
N PHE D 55 8.42 -16.45 -4.35
CA PHE D 55 7.40 -16.36 -3.30
C PHE D 55 7.90 -16.73 -1.91
N THR D 56 7.05 -16.47 -0.91
CA THR D 56 7.40 -16.76 0.47
C THR D 56 6.17 -16.81 1.36
N GLY D 57 6.12 -17.79 2.27
CA GLY D 57 4.98 -17.91 3.15
C GLY D 57 5.33 -17.66 4.61
N SER D 58 4.79 -16.59 5.18
CA SER D 58 5.08 -16.22 6.56
C SER D 58 4.57 -17.15 7.64
N LYS D 59 3.26 -17.43 7.62
CA LYS D 59 2.68 -18.31 8.63
C LYS D 59 3.34 -19.67 8.65
N THR D 60 3.20 -20.44 7.58
CA THR D 60 3.77 -21.77 7.50
C THR D 60 5.29 -21.77 7.47
N GLY D 61 5.87 -20.84 6.70
CA GLY D 61 7.32 -20.76 6.63
C GLY D 61 8.03 -21.25 5.39
N ILE D 62 7.31 -21.83 4.42
CA ILE D 62 7.97 -22.31 3.20
C ILE D 62 8.56 -21.20 2.35
N GLY D 63 8.39 -21.35 1.04
CA GLY D 63 8.90 -20.37 0.13
C GLY D 63 9.78 -21.01 -0.91
N GLY D 64 9.61 -20.61 -2.15
CA GLY D 64 10.38 -21.14 -3.24
C GLY D 64 10.38 -20.15 -4.38
N TYR D 65 10.44 -20.66 -5.60
CA TYR D 65 10.45 -19.79 -6.77
C TYR D 65 10.28 -20.61 -8.03
N VAL D 66 10.15 -19.92 -9.15
CA VAL D 66 9.99 -20.56 -10.43
C VAL D 66 11.07 -19.98 -11.34
N ALA D 67 12.09 -20.78 -11.65
CA ALA D 67 13.15 -20.32 -12.55
C ALA D 67 12.95 -20.94 -13.93
N THR D 68 13.47 -20.26 -14.95
CA THR D 68 13.36 -20.72 -16.33
C THR D 68 14.78 -21.02 -16.85
N ASP D 69 14.92 -22.02 -17.71
CA ASP D 69 16.23 -22.39 -18.24
C ASP D 69 16.27 -22.57 -19.77
N PRO D 70 17.14 -21.82 -20.45
CA PRO D 70 17.28 -21.89 -21.91
C PRO D 70 18.23 -23.00 -22.33
N THR D 71 19.26 -23.22 -21.50
CA THR D 71 20.30 -24.22 -21.73
C THR D 71 19.71 -25.64 -21.86
N ARG D 72 18.85 -26.00 -20.92
CA ARG D 72 18.21 -27.32 -20.88
C ARG D 72 16.76 -27.23 -21.35
N LYS D 73 16.33 -26.02 -21.66
CA LYS D 73 14.96 -25.79 -22.12
C LYS D 73 13.92 -26.39 -21.20
N GLU D 74 13.92 -25.97 -19.94
CA GLU D 74 12.96 -26.48 -18.96
C GLU D 74 12.63 -25.44 -17.90
N ILE D 75 11.41 -25.51 -17.38
CA ILE D 75 10.97 -24.59 -16.35
C ILE D 75 10.99 -25.35 -15.04
N VAL D 76 11.76 -24.85 -14.08
CA VAL D 76 11.87 -25.47 -12.77
C VAL D 76 10.92 -24.83 -11.73
N VAL D 77 10.70 -25.50 -10.59
CA VAL D 77 9.86 -25.00 -9.51
C VAL D 77 10.52 -25.54 -8.25
N SER D 78 11.15 -24.69 -7.45
CA SER D 78 11.81 -25.21 -6.26
C SER D 78 11.29 -24.66 -4.94
N PHE D 79 11.25 -25.51 -3.92
CA PHE D 79 10.78 -25.08 -2.61
C PHE D 79 11.86 -25.37 -1.56
N ARG D 80 12.12 -24.43 -0.67
CA ARG D 80 13.14 -24.64 0.35
C ARG D 80 12.68 -25.38 1.60
N GLY D 81 13.66 -25.94 2.31
CA GLY D 81 13.37 -26.70 3.51
C GLY D 81 13.23 -25.90 4.78
N SER D 82 13.70 -26.50 5.87
CA SER D 82 13.64 -25.89 7.19
C SER D 82 15.03 -25.48 7.65
N ILE D 83 15.19 -24.19 7.92
CA ILE D 83 16.47 -23.64 8.39
C ILE D 83 17.01 -24.44 9.56
N ASN D 84 16.13 -24.81 10.49
CA ASN D 84 16.54 -25.62 11.64
C ASN D 84 15.91 -26.98 11.36
N ILE D 85 16.71 -27.96 10.98
CA ILE D 85 16.16 -29.28 10.66
C ILE D 85 15.87 -30.16 11.86
N ARG D 86 16.76 -30.20 12.84
CA ARG D 86 16.47 -31.05 13.98
C ARG D 86 15.44 -30.40 14.89
N ASN D 87 15.17 -29.12 14.65
CA ASN D 87 14.13 -28.42 15.39
C ASN D 87 12.83 -29.11 15.00
N TRP D 88 12.56 -29.11 13.70
CA TRP D 88 11.37 -29.73 13.13
C TRP D 88 11.14 -31.10 13.74
N LEU D 89 12.21 -31.89 13.79
CA LEU D 89 12.13 -33.23 14.34
C LEU D 89 11.59 -33.21 15.77
N THR D 90 12.32 -32.57 16.68
CA THR D 90 11.90 -32.50 18.09
C THR D 90 10.41 -32.14 18.26
N ASN D 91 9.80 -31.61 17.21
CA ASN D 91 8.40 -31.20 17.24
C ASN D 91 7.44 -32.34 16.92
N LEU D 92 7.88 -33.24 16.04
CA LEU D 92 7.05 -34.37 15.64
C LEU D 92 5.74 -33.92 15.00
N ASP D 93 5.85 -33.24 13.86
CA ASP D 93 4.67 -32.77 13.12
C ASP D 93 4.12 -33.98 12.36
N PHE D 94 3.24 -34.74 13.00
CA PHE D 94 2.68 -35.93 12.38
C PHE D 94 1.20 -35.81 12.02
N ASP D 95 0.51 -34.85 12.63
CA ASP D 95 -0.91 -34.66 12.35
C ASP D 95 -1.18 -34.52 10.86
N GLN D 96 -2.31 -35.06 10.40
CA GLN D 96 -2.64 -34.97 8.99
C GLN D 96 -4.09 -34.54 8.78
N ASP D 97 -4.39 -34.03 7.59
CA ASP D 97 -5.75 -33.60 7.24
C ASP D 97 -6.20 -34.33 5.99
N ASP D 98 -7.34 -33.92 5.46
CA ASP D 98 -7.85 -34.54 4.26
C ASP D 98 -7.40 -33.67 3.09
N CYS D 99 -7.47 -34.23 1.89
CA CYS D 99 -7.17 -33.50 0.66
C CYS D 99 -8.28 -34.01 -0.24
N SER D 100 -8.34 -33.49 -1.46
CA SER D 100 -9.40 -33.93 -2.36
C SER D 100 -8.89 -34.23 -3.77
N LEU D 101 -7.62 -34.61 -3.85
CA LEU D 101 -7.02 -34.96 -5.13
C LEU D 101 -7.56 -36.33 -5.51
N THR D 102 -7.82 -37.15 -4.48
CA THR D 102 -8.35 -38.50 -4.66
C THR D 102 -9.29 -38.82 -3.53
N SER D 103 -10.13 -39.82 -3.72
CA SER D 103 -11.07 -40.19 -2.68
C SER D 103 -10.32 -40.70 -1.46
N GLY D 104 -10.84 -40.36 -0.27
CA GLY D 104 -10.23 -40.79 0.97
C GLY D 104 -8.85 -40.23 1.20
N CYS D 105 -8.47 -39.27 0.37
CA CYS D 105 -7.16 -38.64 0.45
C CYS D 105 -6.80 -38.28 1.90
N GLY D 106 -5.51 -38.32 2.21
CA GLY D 106 -5.06 -37.98 3.55
C GLY D 106 -3.64 -37.46 3.53
N VAL D 107 -3.47 -36.16 3.73
CA VAL D 107 -2.15 -35.55 3.71
C VAL D 107 -1.70 -34.93 5.02
N HIS D 108 -0.39 -34.79 5.13
CA HIS D 108 0.26 -34.19 6.29
C HIS D 108 -0.15 -32.72 6.37
N SER D 109 -0.80 -32.34 7.46
CA SER D 109 -1.28 -30.99 7.63
C SER D 109 -0.25 -29.89 7.41
N GLY D 110 0.93 -30.04 7.99
CA GLY D 110 1.96 -29.02 7.82
C GLY D 110 2.33 -28.71 6.37
N PHE D 111 2.72 -29.74 5.62
CA PHE D 111 3.10 -29.58 4.22
C PHE D 111 1.90 -29.12 3.40
N GLN D 112 0.71 -29.56 3.80
CA GLN D 112 -0.53 -29.18 3.14
C GLN D 112 -0.64 -27.65 3.20
N ASN D 113 -0.47 -27.09 4.40
CA ASN D 113 -0.59 -25.66 4.55
C ASN D 113 0.53 -24.88 3.88
N ALA D 114 1.76 -25.38 4.01
CA ALA D 114 2.89 -24.71 3.38
C ALA D 114 2.55 -24.50 1.92
N TRP D 115 2.14 -25.57 1.26
CA TRP D 115 1.79 -25.47 -0.13
C TRP D 115 0.68 -24.51 -0.39
N ASN D 116 -0.30 -24.42 0.50
CA ASN D 116 -1.42 -23.50 0.27
C ASN D 116 -1.05 -22.04 0.47
N GLU D 117 -0.04 -21.79 1.28
CA GLU D 117 0.36 -20.41 1.53
C GLU D 117 0.91 -19.77 0.27
N ILE D 118 1.64 -20.53 -0.54
CA ILE D 118 2.21 -19.92 -1.75
C ILE D 118 1.77 -20.48 -3.09
N SER D 119 0.79 -21.38 -3.10
CA SER D 119 0.32 -21.97 -4.34
C SER D 119 -0.09 -20.98 -5.43
N ALA D 120 -0.88 -19.98 -5.07
CA ALA D 120 -1.33 -18.99 -6.05
C ALA D 120 -0.12 -18.39 -6.74
N ALA D 121 0.75 -17.80 -5.93
CA ALA D 121 1.98 -17.17 -6.39
C ALA D 121 2.79 -18.12 -7.27
N ALA D 122 2.92 -19.36 -6.81
CA ALA D 122 3.67 -20.39 -7.53
C ALA D 122 2.94 -20.82 -8.81
N THR D 123 1.64 -21.05 -8.70
CA THR D 123 0.82 -21.46 -9.85
C THR D 123 0.83 -20.37 -10.90
N ALA D 124 0.68 -19.12 -10.47
CA ALA D 124 0.67 -18.00 -11.38
C ALA D 124 1.98 -17.91 -12.15
N ALA D 125 3.09 -18.14 -11.46
CA ALA D 125 4.41 -18.07 -12.10
C ALA D 125 4.55 -19.13 -13.19
N VAL D 126 4.44 -20.39 -12.81
CA VAL D 126 4.56 -21.47 -13.78
C VAL D 126 3.64 -21.19 -14.98
N ALA D 127 2.39 -20.82 -14.71
CA ALA D 127 1.44 -20.53 -15.78
C ALA D 127 2.00 -19.47 -16.72
N LYS D 128 2.84 -18.60 -16.15
CA LYS D 128 3.46 -17.54 -16.91
C LYS D 128 4.66 -18.07 -17.66
N ALA D 129 5.54 -18.75 -16.94
CA ALA D 129 6.76 -19.31 -17.52
C ALA D 129 6.43 -20.10 -18.78
N ARG D 130 5.44 -20.98 -18.70
CA ARG D 130 5.04 -21.78 -19.84
C ARG D 130 4.51 -20.87 -20.95
N LYS D 131 3.82 -19.81 -20.57
CA LYS D 131 3.26 -18.87 -21.53
C LYS D 131 4.38 -18.25 -22.37
N ALA D 132 5.56 -18.09 -21.78
CA ALA D 132 6.71 -17.51 -22.48
C ALA D 132 7.63 -18.57 -23.08
N ASN D 133 7.35 -19.84 -22.82
CA ASN D 133 8.18 -20.93 -23.34
C ASN D 133 7.36 -22.19 -23.50
N PRO D 134 6.27 -22.13 -24.30
CA PRO D 134 5.38 -23.26 -24.55
C PRO D 134 5.99 -24.50 -25.18
N SER D 135 7.30 -24.67 -25.01
CA SER D 135 7.99 -25.83 -25.57
C SER D 135 8.77 -26.53 -24.47
N PHE D 136 9.09 -25.80 -23.40
CA PHE D 136 9.86 -26.31 -22.27
C PHE D 136 9.10 -27.27 -21.35
N LYS D 137 9.84 -28.15 -20.70
CA LYS D 137 9.28 -29.11 -19.78
C LYS D 137 9.29 -28.51 -18.37
N VAL D 138 8.37 -28.97 -17.53
CA VAL D 138 8.24 -28.49 -16.15
C VAL D 138 8.84 -29.46 -15.13
N VAL D 139 9.29 -28.94 -14.00
CA VAL D 139 9.86 -29.78 -12.95
C VAL D 139 9.62 -29.18 -11.57
N SER D 140 9.09 -29.99 -10.65
CA SER D 140 8.85 -29.53 -9.28
C SER D 140 9.90 -30.19 -8.38
N VAL D 141 10.96 -29.46 -8.07
CA VAL D 141 12.08 -29.93 -7.25
C VAL D 141 11.89 -29.53 -5.79
N GLY D 142 12.60 -30.21 -4.89
CA GLY D 142 12.49 -29.86 -3.48
C GLY D 142 13.31 -30.75 -2.55
N HIS D 143 13.94 -30.14 -1.54
CA HIS D 143 14.76 -30.88 -0.57
C HIS D 143 14.21 -30.80 0.84
N SER D 144 14.44 -31.84 1.63
CA SER D 144 13.93 -31.87 3.00
C SER D 144 12.42 -31.56 3.04
N LEU D 145 11.93 -30.97 4.13
CA LEU D 145 10.52 -30.65 4.21
C LEU D 145 10.11 -29.97 2.91
N GLY D 146 11.10 -29.46 2.20
CA GLY D 146 10.82 -28.79 0.94
C GLY D 146 10.47 -29.79 -0.15
N GLY D 147 10.72 -31.06 0.12
CA GLY D 147 10.39 -32.06 -0.86
C GLY D 147 8.90 -32.33 -0.84
N ALA D 148 8.32 -32.29 0.36
CA ALA D 148 6.90 -32.55 0.51
C ALA D 148 6.12 -31.53 -0.30
N VAL D 149 6.38 -30.27 -0.02
CA VAL D 149 5.69 -29.22 -0.73
C VAL D 149 5.91 -29.41 -2.22
N ALA D 150 7.07 -29.94 -2.58
CA ALA D 150 7.39 -30.18 -3.98
C ALA D 150 6.51 -31.29 -4.54
N THR D 151 6.29 -32.32 -3.73
CA THR D 151 5.46 -33.44 -4.13
C THR D 151 4.03 -32.90 -4.30
N LEU D 152 3.49 -32.35 -3.22
CA LEU D 152 2.14 -31.77 -3.21
C LEU D 152 1.91 -30.81 -4.37
N ALA D 153 2.89 -29.94 -4.63
CA ALA D 153 2.76 -28.96 -5.71
C ALA D 153 2.63 -29.63 -7.06
N GLY D 154 3.56 -30.55 -7.35
CA GLY D 154 3.54 -31.24 -8.62
C GLY D 154 2.23 -31.94 -8.84
N ALA D 155 1.69 -32.53 -7.78
CA ALA D 155 0.42 -33.23 -7.91
C ALA D 155 -0.66 -32.22 -8.30
N ASN D 156 -0.76 -31.16 -7.51
CA ASN D 156 -1.76 -30.13 -7.75
C ASN D 156 -1.64 -29.37 -9.06
N LEU D 157 -0.41 -29.19 -9.56
CA LEU D 157 -0.17 -28.53 -10.84
C LEU D 157 -0.63 -29.46 -11.97
N ARG D 158 -0.16 -30.69 -11.93
CA ARG D 158 -0.54 -31.63 -12.96
C ARG D 158 -2.06 -31.70 -13.06
N ILE D 159 -2.75 -31.91 -11.93
CA ILE D 159 -4.23 -31.96 -11.90
C ILE D 159 -4.79 -30.68 -12.51
N GLY D 160 -4.15 -29.57 -12.17
CA GLY D 160 -4.59 -28.29 -12.70
C GLY D 160 -4.57 -28.32 -14.21
N GLY D 161 -3.60 -29.06 -14.77
CA GLY D 161 -3.50 -29.16 -16.22
C GLY D 161 -2.12 -28.83 -16.74
N THR D 162 -1.11 -29.53 -16.26
CA THR D 162 0.25 -29.31 -16.69
C THR D 162 1.16 -30.43 -16.20
N PRO D 163 1.59 -31.31 -17.11
CA PRO D 163 2.47 -32.45 -16.79
C PRO D 163 3.90 -32.09 -16.41
N LEU D 164 4.51 -32.91 -15.55
CA LEU D 164 5.85 -32.64 -15.05
C LEU D 164 6.37 -33.79 -14.18
N ASP D 165 7.68 -33.78 -13.92
CA ASP D 165 8.32 -34.80 -13.08
C ASP D 165 8.67 -34.20 -11.71
N ILE D 166 8.49 -34.99 -10.66
CA ILE D 166 8.77 -34.53 -9.30
C ILE D 166 10.13 -35.06 -8.84
N TYR D 167 11.11 -34.17 -8.65
CA TYR D 167 12.42 -34.58 -8.17
C TYR D 167 12.53 -34.09 -6.72
N THR D 168 12.61 -35.03 -5.79
CA THR D 168 12.70 -34.69 -4.38
C THR D 168 13.93 -35.33 -3.74
N TYR D 169 14.51 -34.69 -2.73
CA TYR D 169 15.69 -35.23 -2.08
C TYR D 169 15.55 -35.26 -0.56
N GLY D 170 15.60 -36.44 0.02
CA GLY D 170 15.47 -36.52 1.46
C GLY D 170 14.08 -36.18 1.91
N SER D 171 13.10 -36.37 1.03
CA SER D 171 11.72 -36.07 1.36
C SER D 171 11.08 -36.95 2.42
N PRO D 172 10.18 -36.36 3.21
CA PRO D 172 9.48 -37.13 4.25
C PRO D 172 8.21 -37.71 3.61
N ARG D 173 7.50 -38.57 4.32
CA ARG D 173 6.26 -39.10 3.76
C ARG D 173 5.28 -37.92 3.81
N VAL D 174 4.72 -37.59 2.65
CA VAL D 174 3.81 -36.46 2.54
C VAL D 174 2.35 -36.77 2.80
N GLY D 175 1.96 -38.01 2.61
CA GLY D 175 0.57 -38.37 2.84
C GLY D 175 0.34 -39.83 3.09
N ASN D 176 -0.92 -40.24 2.99
CA ASN D 176 -1.28 -41.62 3.24
C ASN D 176 -1.32 -42.45 1.98
N THR D 177 -1.64 -43.72 2.18
CA THR D 177 -1.73 -44.71 1.11
C THR D 177 -2.36 -44.19 -0.19
N GLN D 178 -3.64 -43.83 -0.14
CA GLN D 178 -4.32 -43.33 -1.33
C GLN D 178 -3.70 -42.07 -1.93
N LEU D 179 -3.13 -41.20 -1.11
CA LEU D 179 -2.54 -39.98 -1.65
C LEU D 179 -1.30 -40.39 -2.45
N ALA D 180 -0.35 -41.02 -1.76
CA ALA D 180 0.89 -41.48 -2.36
C ALA D 180 0.61 -42.26 -3.63
N ALA D 181 -0.50 -42.98 -3.64
CA ALA D 181 -0.87 -43.78 -4.81
C ALA D 181 -1.23 -42.83 -5.93
N PHE D 182 -2.25 -42.02 -5.70
CA PHE D 182 -2.69 -41.07 -6.71
C PHE D 182 -1.47 -40.43 -7.39
N VAL D 183 -0.56 -39.89 -6.61
CA VAL D 183 0.65 -39.24 -7.13
C VAL D 183 1.50 -40.15 -7.99
N SER D 184 1.60 -41.41 -7.60
CA SER D 184 2.40 -42.36 -8.34
C SER D 184 1.71 -42.74 -9.65
N ASN D 185 0.44 -43.14 -9.56
CA ASN D 185 -0.33 -43.52 -10.73
C ASN D 185 -0.45 -42.37 -11.73
N GLN D 186 -0.37 -41.16 -11.20
CA GLN D 186 -0.47 -39.94 -11.98
C GLN D 186 0.68 -39.88 -12.98
N ALA D 187 0.36 -39.45 -14.21
CA ALA D 187 1.34 -39.33 -15.28
C ALA D 187 2.48 -38.46 -14.82
N GLY D 188 3.67 -38.71 -15.36
CA GLY D 188 4.85 -37.97 -14.93
C GLY D 188 5.48 -38.89 -13.90
N GLY D 189 6.74 -38.64 -13.53
CA GLY D 189 7.38 -39.51 -12.57
C GLY D 189 7.71 -38.85 -11.25
N GLU D 190 8.02 -39.68 -10.27
CA GLU D 190 8.38 -39.22 -8.93
C GLU D 190 9.76 -39.80 -8.61
N PHE D 191 10.80 -39.00 -8.63
CA PHE D 191 12.14 -39.51 -8.34
C PHE D 191 12.63 -39.26 -6.90
N ARG D 192 11.95 -39.78 -5.88
CA ARG D 192 12.44 -39.53 -4.53
C ARG D 192 13.76 -40.21 -4.23
N VAL D 193 14.79 -39.39 -4.01
CA VAL D 193 16.14 -39.86 -3.70
C VAL D 193 16.41 -39.75 -2.21
N THR D 194 16.98 -40.81 -1.63
CA THR D 194 17.28 -40.81 -0.21
C THR D 194 18.76 -41.13 -0.01
N ASN D 195 19.31 -40.71 1.14
CA ASN D 195 20.72 -40.96 1.42
C ASN D 195 21.00 -41.75 2.71
N ALA D 196 21.64 -42.90 2.51
CA ALA D 196 22.00 -43.78 3.62
C ALA D 196 20.99 -43.70 4.75
N LYS D 197 21.48 -43.83 5.98
CA LYS D 197 20.66 -43.80 7.17
C LYS D 197 19.94 -42.50 7.48
N ASP D 198 19.72 -41.64 6.47
CA ASP D 198 19.03 -40.36 6.69
C ASP D 198 17.72 -40.55 7.46
N PRO D 199 17.56 -39.85 8.59
CA PRO D 199 16.40 -39.89 9.48
C PRO D 199 15.10 -39.18 9.04
N VAL D 200 15.18 -38.33 8.02
CA VAL D 200 14.00 -37.60 7.59
C VAL D 200 13.02 -38.35 6.68
N PRO D 201 13.52 -39.05 5.66
CA PRO D 201 12.60 -39.77 4.76
C PRO D 201 11.84 -40.87 5.47
N ARG D 202 12.16 -41.07 6.74
CA ARG D 202 11.51 -42.09 7.52
C ARG D 202 10.33 -41.51 8.31
N LEU D 203 10.02 -40.25 8.07
CA LEU D 203 8.93 -39.59 8.79
C LEU D 203 7.93 -38.89 7.88
N PRO D 204 6.66 -38.81 8.32
CA PRO D 204 6.16 -39.33 9.59
C PRO D 204 6.22 -40.85 9.67
N PRO D 205 6.07 -41.43 10.87
CA PRO D 205 6.12 -42.88 11.01
C PRO D 205 5.18 -43.61 10.06
N LEU D 206 5.63 -44.75 9.57
CA LEU D 206 4.83 -45.57 8.68
C LEU D 206 3.60 -46.12 9.43
N ILE D 207 3.67 -46.18 10.76
CA ILE D 207 2.56 -46.70 11.56
C ILE D 207 1.39 -45.73 11.72
N PHE D 208 1.46 -44.61 11.02
CA PHE D 208 0.38 -43.62 11.10
C PHE D 208 -0.33 -43.45 9.77
N GLY D 209 -0.08 -44.36 8.84
CA GLY D 209 -0.74 -44.29 7.56
C GLY D 209 0.06 -43.69 6.43
N TYR D 210 1.21 -43.11 6.75
CA TYR D 210 2.05 -42.47 5.74
C TYR D 210 2.82 -43.45 4.87
N ARG D 211 2.87 -43.16 3.56
CA ARG D 211 3.60 -43.98 2.60
C ARG D 211 4.47 -43.02 1.77
N HIS D 212 5.09 -43.55 0.72
CA HIS D 212 5.94 -42.75 -0.18
C HIS D 212 5.52 -43.02 -1.62
N THR D 213 5.96 -42.16 -2.53
CA THR D 213 5.66 -42.39 -3.94
C THR D 213 6.57 -43.58 -4.26
N SER D 214 6.38 -44.21 -5.40
CA SER D 214 7.25 -45.31 -5.78
C SER D 214 7.74 -44.86 -7.12
N PRO D 215 9.02 -45.12 -7.44
CA PRO D 215 10.01 -45.81 -6.62
C PRO D 215 10.79 -44.90 -5.67
N GLU D 216 11.84 -45.47 -5.06
CA GLU D 216 12.73 -44.77 -4.15
C GLU D 216 14.13 -45.12 -4.59
N TYR D 217 15.00 -44.12 -4.71
CA TYR D 217 16.39 -44.39 -5.07
C TYR D 217 17.21 -44.18 -3.80
N TRP D 218 17.91 -45.21 -3.35
CA TRP D 218 18.68 -45.13 -2.12
C TRP D 218 20.19 -45.16 -2.29
N LEU D 219 20.84 -44.03 -2.09
CA LEU D 219 22.28 -43.99 -2.21
C LEU D 219 22.78 -44.91 -1.10
N SER D 220 23.32 -46.06 -1.45
CA SER D 220 23.81 -46.97 -0.43
C SER D 220 25.30 -46.69 -0.20
N GLY D 221 25.62 -46.12 0.96
CA GLY D 221 26.99 -45.79 1.29
C GLY D 221 27.15 -45.45 2.75
N SER D 222 28.14 -44.61 3.07
CA SER D 222 28.39 -44.21 4.46
C SER D 222 27.58 -42.96 4.76
N GLY D 223 27.15 -42.29 3.70
CA GLY D 223 26.33 -41.10 3.82
C GLY D 223 26.83 -39.94 4.67
N GLY D 224 27.01 -40.19 5.97
CA GLY D 224 27.45 -39.16 6.90
C GLY D 224 27.85 -37.85 6.26
N ASP D 225 28.72 -37.92 5.26
CA ASP D 225 29.18 -36.71 4.60
C ASP D 225 29.54 -36.88 3.12
N LYS D 226 29.32 -38.08 2.58
CA LYS D 226 29.64 -38.34 1.17
C LYS D 226 29.11 -37.29 0.20
N ILE D 227 29.55 -37.40 -1.04
CA ILE D 227 29.15 -36.50 -2.10
C ILE D 227 29.46 -37.28 -3.37
N ASP D 228 30.49 -38.12 -3.27
CA ASP D 228 30.96 -38.93 -4.38
C ASP D 228 30.20 -40.22 -4.64
N TYR D 229 28.88 -40.15 -4.72
CA TYR D 229 28.11 -41.34 -5.01
C TYR D 229 28.16 -41.54 -6.53
N THR D 230 27.85 -42.74 -6.98
CA THR D 230 27.86 -43.03 -8.42
C THR D 230 26.73 -43.95 -8.85
N ILE D 231 26.48 -43.98 -10.16
CA ILE D 231 25.42 -44.80 -10.73
C ILE D 231 25.12 -46.11 -10.00
N ASN D 232 26.16 -46.82 -9.56
CA ASN D 232 25.95 -48.10 -8.89
C ASN D 232 25.91 -48.05 -7.37
N ASP D 233 25.64 -46.88 -6.82
CA ASP D 233 25.57 -46.75 -5.37
C ASP D 233 24.13 -46.48 -5.04
N VAL D 234 23.33 -46.38 -6.10
CA VAL D 234 21.90 -46.15 -5.99
C VAL D 234 21.22 -47.50 -5.92
N LYS D 235 20.12 -47.58 -5.18
CA LYS D 235 19.36 -48.82 -5.04
C LYS D 235 17.87 -48.52 -5.18
N VAL D 236 17.20 -49.24 -6.08
CA VAL D 236 15.78 -49.02 -6.30
C VAL D 236 15.00 -49.94 -5.40
N CYS D 237 13.99 -49.39 -4.74
CA CYS D 237 13.12 -50.14 -3.84
C CYS D 237 11.79 -49.68 -4.36
N GLU D 238 10.78 -50.54 -4.34
CA GLU D 238 9.49 -50.11 -4.86
C GLU D 238 8.39 -50.45 -3.88
N GLY D 239 7.23 -49.84 -4.06
CA GLY D 239 6.11 -50.09 -3.18
C GLY D 239 5.88 -48.88 -2.29
N ALA D 240 4.67 -48.74 -1.77
CA ALA D 240 4.36 -47.59 -0.91
C ALA D 240 4.77 -47.74 0.56
N ALA D 241 5.07 -48.96 1.00
CA ALA D 241 5.50 -49.18 2.39
C ALA D 241 6.71 -50.11 2.46
N ASN D 242 7.78 -49.67 1.80
CA ASN D 242 9.04 -50.43 1.69
C ASN D 242 10.11 -49.96 2.68
N LEU D 243 10.51 -50.82 3.61
CA LEU D 243 11.54 -50.45 4.58
C LEU D 243 12.90 -51.06 4.23
N GLN D 244 12.99 -51.61 3.03
CA GLN D 244 14.20 -52.27 2.55
C GLN D 244 15.40 -51.36 2.34
N CYS D 245 15.17 -50.07 2.20
CA CYS D 245 16.25 -49.15 1.94
C CYS D 245 16.42 -48.05 2.97
N ASN D 246 16.24 -46.79 2.59
CA ASN D 246 16.42 -45.74 3.58
C ASN D 246 15.48 -45.92 4.76
N GLY D 247 14.19 -45.75 4.51
CA GLY D 247 13.20 -45.88 5.56
C GLY D 247 13.20 -47.25 6.21
N GLY D 248 14.24 -47.53 7.00
CA GLY D 248 14.34 -48.82 7.66
C GLY D 248 15.62 -48.85 8.47
N THR D 249 16.37 -47.74 8.40
CA THR D 249 17.62 -47.60 9.11
C THR D 249 17.35 -47.06 10.52
N LEU D 250 18.42 -46.73 11.25
CA LEU D 250 18.30 -46.19 12.61
C LEU D 250 19.35 -45.10 12.85
N GLY D 251 19.18 -44.31 13.90
CA GLY D 251 20.16 -43.28 14.18
C GLY D 251 19.87 -41.88 13.65
N LEU D 252 20.34 -40.88 14.38
CA LEU D 252 20.15 -39.47 14.05
C LEU D 252 21.24 -38.89 13.13
N ASP D 253 21.45 -39.51 11.97
CA ASP D 253 22.46 -39.03 11.03
C ASP D 253 21.99 -37.80 10.22
N ILE D 254 21.86 -36.66 10.90
CA ILE D 254 21.42 -35.45 10.23
C ILE D 254 22.36 -35.08 9.09
N ASP D 255 23.66 -35.20 9.36
CA ASP D 255 24.69 -34.89 8.37
C ASP D 255 24.31 -35.35 6.96
N ALA D 256 24.05 -36.64 6.83
CA ALA D 256 23.68 -37.25 5.56
C ALA D 256 22.49 -36.56 4.92
N HIS D 257 21.52 -36.18 5.74
CA HIS D 257 20.33 -35.49 5.23
C HIS D 257 20.76 -34.19 4.57
N LEU D 258 21.87 -33.64 5.06
CA LEU D 258 22.39 -32.41 4.52
C LEU D 258 23.38 -32.67 3.39
N HIS D 259 23.49 -33.94 2.98
CA HIS D 259 24.42 -34.30 1.90
C HIS D 259 23.83 -35.18 0.79
N TYR D 260 23.41 -34.56 -0.30
CA TYR D 260 22.87 -35.28 -1.44
C TYR D 260 23.63 -34.89 -2.70
N PHE D 261 24.75 -35.56 -2.94
CA PHE D 261 25.60 -35.30 -4.09
C PHE D 261 26.32 -33.97 -3.89
N GLN D 262 26.02 -33.32 -2.78
CA GLN D 262 26.64 -32.05 -2.42
C GLN D 262 26.13 -31.53 -1.08
N ALA D 263 26.56 -30.33 -0.72
CA ALA D 263 26.17 -29.70 0.54
C ALA D 263 24.83 -28.99 0.39
N THR D 264 23.78 -29.63 0.87
CA THR D 264 22.43 -29.08 0.79
C THR D 264 22.39 -27.68 1.41
N ASP D 265 23.29 -27.43 2.38
CA ASP D 265 23.36 -26.15 3.05
C ASP D 265 24.64 -25.41 2.70
N ALA D 266 24.52 -24.53 1.71
CA ALA D 266 25.62 -23.71 1.25
C ALA D 266 24.95 -22.39 0.91
N CYS D 267 23.91 -22.09 1.68
CA CYS D 267 23.10 -20.88 1.54
C CYS D 267 22.28 -20.74 2.81
N SER D 268 22.69 -19.84 3.69
CA SER D 268 21.99 -19.63 4.95
C SER D 268 20.50 -19.38 4.79
N THR D 290 14.27 -28.47 20.85
CA THR D 290 13.85 -28.46 22.25
C THR D 290 14.28 -29.72 23.02
N MET D 291 15.24 -30.47 22.45
CA MET D 291 15.76 -31.68 23.09
C MET D 291 17.05 -32.20 22.43
N THR D 292 17.80 -33.00 23.19
CA THR D 292 19.07 -33.58 22.75
C THR D 292 18.99 -34.78 21.82
N ASP D 293 20.04 -34.97 21.03
CA ASP D 293 20.12 -36.08 20.08
C ASP D 293 19.83 -37.40 20.79
N ALA D 294 20.31 -37.51 22.02
CA ALA D 294 20.11 -38.71 22.82
C ALA D 294 18.68 -39.22 22.72
N GLU D 295 17.77 -38.48 23.33
CA GLU D 295 16.36 -38.85 23.32
C GLU D 295 15.74 -38.67 21.94
N LEU D 296 16.39 -37.87 21.09
CA LEU D 296 15.88 -37.65 19.75
C LEU D 296 16.06 -38.92 18.94
N GLU D 297 17.24 -39.51 19.03
CA GLU D 297 17.55 -40.75 18.29
C GLU D 297 16.75 -41.93 18.84
N LYS D 298 16.73 -42.08 20.15
CA LYS D 298 16.00 -43.19 20.74
C LYS D 298 14.54 -43.12 20.35
N LYS D 299 14.00 -41.92 20.21
CA LYS D 299 12.60 -41.75 19.84
C LYS D 299 12.38 -42.05 18.37
N LEU D 300 13.26 -41.54 17.51
CA LEU D 300 13.13 -41.82 16.10
C LEU D 300 13.35 -43.30 15.85
N ASN D 301 14.27 -43.90 16.60
CA ASN D 301 14.55 -45.31 16.44
C ASN D 301 13.35 -46.14 16.86
N SER D 302 12.57 -45.63 17.81
CA SER D 302 11.38 -46.35 18.27
C SER D 302 10.27 -46.34 17.22
N TYR D 303 10.23 -45.32 16.37
CA TYR D 303 9.23 -45.31 15.33
C TYR D 303 9.68 -46.30 14.25
N VAL D 304 10.98 -46.33 13.99
CA VAL D 304 11.54 -47.25 13.00
C VAL D 304 11.30 -48.69 13.43
N GLU D 305 11.40 -48.94 14.72
CA GLU D 305 11.20 -50.28 15.24
C GLU D 305 9.73 -50.67 15.18
N MET D 306 8.84 -49.72 15.44
CA MET D 306 7.41 -50.00 15.37
C MET D 306 7.15 -50.24 13.89
N ASP D 307 7.61 -49.32 13.04
CA ASP D 307 7.44 -49.45 11.59
C ASP D 307 7.89 -50.84 11.13
N LYS D 308 9.05 -51.28 11.60
CA LYS D 308 9.56 -52.58 11.24
C LYS D 308 8.67 -53.71 11.73
N GLU D 309 8.04 -53.50 12.87
CA GLU D 309 7.18 -54.50 13.47
C GLU D 309 5.91 -54.55 12.64
N TYR D 310 5.48 -53.39 12.16
CA TYR D 310 4.30 -53.30 11.31
C TYR D 310 4.52 -54.21 10.11
N ILE D 311 5.73 -54.13 9.56
CA ILE D 311 6.14 -54.93 8.40
C ILE D 311 6.11 -56.44 8.70
N LYS D 312 6.92 -56.90 9.66
CA LYS D 312 6.95 -58.32 9.99
C LYS D 312 5.56 -58.81 10.32
N THR D 313 4.72 -57.86 10.73
CA THR D 313 3.35 -58.15 11.08
C THR D 313 2.55 -58.59 9.86
N HIS D 314 2.67 -57.84 8.77
CA HIS D 314 1.95 -58.17 7.55
C HIS D 314 2.75 -59.06 6.59
N ALA D 315 3.76 -59.74 7.12
CA ALA D 315 4.62 -60.60 6.33
C ALA D 315 3.89 -61.49 5.33
N SER D 316 2.87 -62.17 5.81
CA SER D 316 2.10 -63.08 4.98
C SER D 316 0.77 -62.53 4.50
N ARG D 317 0.77 -61.31 3.97
CA ARG D 317 -0.47 -60.71 3.48
C ARG D 317 -0.32 -60.43 1.99
N SER D 318 -1.35 -59.81 1.41
CA SER D 318 -1.38 -59.47 -0.02
C SER D 318 -1.62 -60.73 -0.84
#